data_3SRA
#
_entry.id   3SRA
#
_cell.length_a   120.168
_cell.length_b   166.622
_cell.length_c   93.746
_cell.angle_alpha   90.00
_cell.angle_beta   90.00
_cell.angle_gamma   90.00
#
_symmetry.space_group_name_H-M   'C 2 2 21'
#
loop_
_entity.id
_entity.type
_entity.pdbx_description
1 polymer 'Acyl-homoserine lactone acylase PvdQ subunit alpha'
2 polymer 'Acyl-homoserine lactone acylase PvdQ subunit beta'
3 non-polymer 1,2-ETHANEDIOL
4 non-polymer 'MYRISTIC ACID'
5 water water
#
loop_
_entity_poly.entity_id
_entity_poly.type
_entity_poly.pdbx_seq_one_letter_code
_entity_poly.pdbx_strand_id
1 'polypeptide(L)'
;TGLAADIRWTAYGVPHIRAKDERGLGYGIGYAYARDNACLLAEEIVTARGERARYFGSEGKSSAELDNLPSDIFYAWLNQ
PEALQAFWQAQTPAVRQLLEGYAAGFNRFLREADGKTTSCLGQPWLRAIATDDLLRLTRRLLVEGGVGQFADALVAAAPP
GAE
;
A
2 'polypeptide(L)'
;SNAIAVGSERSADGKGMLLANPHFPWNGAMRFYQMHLTIPGRLDVMGASLPGLPVVNIGFSRHLAWTHTVDTSSHFTLYR
LALDPKDPRRYLVDGRSLPLEEKSVAIEVRGADGKLSRVEHKVYQSIYGPLVVWPGKLDWNRSEAYALRDANLENTRVLQ
QWYSINQASDVADLRRRVEALQGIPWVNTLAADEQGNALYMNQSVVPYLKPELIPACAIPQLVAEGLPALQGQDSRCAWS
RDPAAAQAGITPAAQLPVLLRRDFVQNSNDSAWLTNPASPLQGFSPLVSQEKPIGPRARYALSRLQGKQPLEAKTLEEMV
TANHVFSADQVLPDLLRLCRDNQGEKSLARACAALAQWDRGANLDSGSGFVYFQRFMQRFAELDGAWKEPFDAQRPLDTP
QGIALDRPQVATQVRQALADAAAEVEKSGIPDGARWGDLQVSTRGQERIAIPGGDGHFGVYNAIQSVRKGDHLEVVGGTS
YIQLVTFPEEGPKARGLLAFSQSSDPRSPHYRDQTELFSRQQWQTLPFSDRQIDADPQLQRLSIRE
;
B
#
loop_
_chem_comp.id
_chem_comp.type
_chem_comp.name
_chem_comp.formula
EDO non-polymer 1,2-ETHANEDIOL 'C2 H6 O2'
MYR non-polymer 'MYRISTIC ACID' 'C14 H28 O2'
#
# COMPACT_ATOMS: atom_id res chain seq x y z
N THR A 1 -9.59 13.37 31.39
CA THR A 1 -8.53 13.51 32.44
C THR A 1 -7.84 12.17 32.76
N GLY A 2 -6.69 12.21 33.42
CA GLY A 2 -5.86 11.03 33.58
C GLY A 2 -5.09 10.80 32.29
N LEU A 3 -4.90 11.91 31.55
CA LEU A 3 -4.21 11.93 30.28
C LEU A 3 -2.90 12.67 30.49
N ALA A 4 -1.80 11.98 30.25
CA ALA A 4 -0.47 12.54 30.39
C ALA A 4 0.49 11.86 29.43
N ALA A 5 1.34 12.64 28.76
CA ALA A 5 2.37 12.08 27.90
C ALA A 5 3.67 12.84 28.05
N ASP A 6 4.78 12.13 27.90
CA ASP A 6 6.08 12.75 27.69
C ASP A 6 6.53 12.53 26.26
N ILE A 7 6.76 13.61 25.52
CA ILE A 7 7.19 13.54 24.12
C ILE A 7 8.60 14.11 23.90
N ARG A 8 9.45 13.29 23.31
CA ARG A 8 10.72 13.79 22.80
C ARG A 8 10.68 13.77 21.28
N TRP A 9 11.20 14.82 20.65
CA TRP A 9 11.41 14.84 19.22
C TRP A 9 12.90 14.80 18.91
N THR A 10 13.32 13.91 18.01
CA THR A 10 14.69 13.90 17.54
C THR A 10 14.73 14.57 16.17
N ALA A 11 15.87 14.54 15.50
CA ALA A 11 16.05 15.24 14.22
C ALA A 11 14.93 14.85 13.27
N TYR A 12 14.48 15.81 12.48
CA TYR A 12 13.49 15.57 11.41
C TYR A 12 12.05 15.45 11.91
N GLY A 13 11.82 15.87 13.15
CA GLY A 13 10.48 15.88 13.76
C GLY A 13 9.90 14.51 14.10
N VAL A 14 10.77 13.55 14.40
CA VAL A 14 10.33 12.22 14.82
C VAL A 14 9.97 12.22 16.32
N PRO A 15 8.69 11.94 16.65
CA PRO A 15 8.30 11.95 18.07
C PRO A 15 8.57 10.62 18.77
N HIS A 16 8.87 10.70 20.07
CA HIS A 16 9.08 9.53 20.92
C HIS A 16 8.17 9.73 22.11
N ILE A 17 7.07 8.99 22.11
CA ILE A 17 6.04 9.18 23.14
C ILE A 17 6.23 8.14 24.25
N ARG A 18 6.36 8.64 25.47
CA ARG A 18 6.43 7.80 26.69
C ARG A 18 5.19 8.10 27.54
N ALA A 19 4.52 7.04 27.99
CA ALA A 19 3.37 7.21 28.90
C ALA A 19 3.21 6.00 29.78
N LYS A 20 2.33 6.08 30.77
CA LYS A 20 2.20 5.01 31.74
C LYS A 20 1.10 4.05 31.36
N ASP A 21 0.26 4.47 30.41
CA ASP A 21 -0.89 3.68 29.95
C ASP A 21 -1.28 4.05 28.50
N GLU A 22 -2.20 3.28 27.90
CA GLU A 22 -2.62 3.47 26.50
C GLU A 22 -3.24 4.85 26.22
N ARG A 23 -3.95 5.35 27.23
CA ARG A 23 -4.65 6.61 27.17
C ARG A 23 -3.67 7.79 27.00
N GLY A 24 -2.66 7.82 27.86
CA GLY A 24 -1.56 8.79 27.74
C GLY A 24 -0.75 8.65 26.47
N LEU A 25 -0.55 7.41 26.04
CA LEU A 25 0.20 7.11 24.82
C LEU A 25 -0.57 7.66 23.62
N GLY A 26 -1.87 7.37 23.58
CA GLY A 26 -2.76 7.94 22.56
C GLY A 26 -2.69 9.45 22.56
N TYR A 27 -2.76 10.04 23.74
CA TYR A 27 -2.70 11.47 23.93
C TYR A 27 -1.45 12.08 23.27
N GLY A 28 -0.28 11.52 23.57
CA GLY A 28 0.95 11.95 22.93
C GLY A 28 0.97 11.77 21.41
N ILE A 29 0.53 10.61 20.93
CA ILE A 29 0.49 10.32 19.48
C ILE A 29 -0.33 11.39 18.76
N GLY A 30 -1.57 11.59 19.17
CA GLY A 30 -2.48 12.51 18.53
C GLY A 30 -2.01 13.95 18.57
N TYR A 31 -1.37 14.33 19.68
CA TYR A 31 -0.82 15.67 19.81
C TYR A 31 0.33 15.87 18.83
N ALA A 32 1.27 14.93 18.84
CA ALA A 32 2.42 15.02 17.92
C ALA A 32 1.96 14.96 16.45
N TYR A 33 1.06 14.04 16.13
CA TYR A 33 0.62 13.91 14.77
C TYR A 33 -0.11 15.16 14.31
N ALA A 34 -0.94 15.74 15.20
CA ALA A 34 -1.65 16.95 14.89
C ALA A 34 -0.69 18.11 14.56
N ARG A 35 0.46 18.13 15.22
CA ARG A 35 1.43 19.21 15.01
C ARG A 35 1.94 19.22 13.57
N ASP A 36 2.12 18.00 13.04
CA ASP A 36 2.66 17.82 11.70
C ASP A 36 1.57 17.73 10.65
N ASN A 37 0.42 17.18 11.03
CA ASN A 37 -0.56 16.78 10.03
C ASN A 37 -2.02 17.00 10.38
N ALA A 38 -2.33 18.07 11.12
CA ALA A 38 -3.72 18.35 11.49
C ALA A 38 -4.62 18.46 10.27
N CYS A 39 -4.20 19.25 9.28
CA CYS A 39 -5.03 19.47 8.08
C CYS A 39 -5.30 18.20 7.25
N LEU A 40 -4.27 17.38 7.06
CA LEU A 40 -4.43 16.06 6.42
C LEU A 40 -5.50 15.24 7.14
N LEU A 41 -5.36 15.09 8.45
CA LEU A 41 -6.31 14.24 9.19
C LEU A 41 -7.71 14.78 9.06
N ALA A 42 -7.84 16.09 9.20
CA ALA A 42 -9.14 16.76 9.10
C ALA A 42 -9.80 16.49 7.73
N GLU A 43 -9.03 16.66 6.68
CA GLU A 43 -9.49 16.40 5.31
C GLU A 43 -9.96 14.95 5.15
N GLU A 44 -9.18 14.00 5.69
CA GLU A 44 -9.45 12.57 5.53
C GLU A 44 -10.59 12.13 6.40
N ILE A 45 -10.77 12.81 7.53
CA ILE A 45 -11.93 12.56 8.36
C ILE A 45 -13.19 13.02 7.65
N VAL A 46 -13.15 14.22 7.06
CA VAL A 46 -14.25 14.71 6.22
C VAL A 46 -14.67 13.69 5.14
N THR A 47 -13.66 13.18 4.43
CA THR A 47 -13.85 12.15 3.45
C THR A 47 -14.53 10.95 4.11
N ALA A 48 -13.99 10.49 5.24
CA ALA A 48 -14.44 9.23 5.87
C ALA A 48 -15.79 9.38 6.53
N ARG A 49 -16.17 10.61 6.82
CA ARG A 49 -17.52 10.97 7.29
C ARG A 49 -18.51 11.18 6.14
N GLY A 50 -18.02 11.16 4.91
CA GLY A 50 -18.89 11.41 3.76
C GLY A 50 -19.43 12.82 3.76
N GLU A 51 -18.56 13.79 4.07
CA GLU A 51 -18.93 15.19 4.13
C GLU A 51 -18.17 16.06 3.14
N ARG A 52 -17.55 15.45 2.13
CA ARG A 52 -16.79 16.22 1.15
C ARG A 52 -17.65 17.25 0.41
N ALA A 53 -18.80 16.80 -0.10
CA ALA A 53 -19.68 17.68 -0.87
C ALA A 53 -20.24 18.81 -0.01
N ARG A 54 -20.42 18.56 1.29
CA ARG A 54 -20.94 19.57 2.19
C ARG A 54 -19.98 20.77 2.28
N TYR A 55 -18.69 20.51 2.36
CA TYR A 55 -17.70 21.57 2.53
C TYR A 55 -17.16 22.10 1.20
N PHE A 56 -17.06 21.21 0.21
CA PHE A 56 -16.32 21.50 -1.00
C PHE A 56 -17.16 21.48 -2.27
N GLY A 57 -18.42 21.08 -2.17
CA GLY A 57 -19.27 20.97 -3.33
C GLY A 57 -18.96 19.73 -4.16
N SER A 58 -19.79 19.46 -5.17
CA SER A 58 -19.72 18.22 -5.94
C SER A 58 -18.62 18.19 -6.99
N GLU A 59 -17.98 19.34 -7.25
CA GLU A 59 -16.98 19.44 -8.31
C GLU A 59 -15.56 19.02 -7.89
N GLY A 60 -15.33 18.77 -6.62
CA GLY A 60 -14.02 18.35 -6.17
C GLY A 60 -13.86 16.85 -5.99
N LYS A 61 -12.64 16.44 -5.66
CA LYS A 61 -12.33 15.04 -5.39
C LYS A 61 -11.60 14.91 -4.07
N SER A 62 -11.68 13.70 -3.51
CA SER A 62 -10.95 13.31 -2.33
C SER A 62 -9.50 13.12 -2.71
N SER A 63 -8.65 12.81 -1.73
CA SER A 63 -7.24 12.49 -2.03
C SER A 63 -7.06 11.12 -2.69
N ALA A 64 -8.09 10.29 -2.68
CA ALA A 64 -8.06 9.00 -3.42
C ALA A 64 -8.56 9.19 -4.86
N GLU A 65 -8.82 10.46 -5.21
CA GLU A 65 -9.27 10.89 -6.52
C GLU A 65 -10.69 10.38 -6.90
N LEU A 66 -11.55 10.22 -5.90
CA LEU A 66 -12.97 9.97 -6.13
C LEU A 66 -13.70 11.29 -6.11
N ASP A 67 -14.71 11.44 -6.97
CA ASP A 67 -15.57 12.62 -6.93
C ASP A 67 -16.22 12.70 -5.55
N ASN A 68 -16.28 13.92 -5.01
CA ASN A 68 -16.82 14.15 -3.68
C ASN A 68 -18.13 13.46 -3.33
N LEU A 69 -19.11 13.57 -4.22
CA LEU A 69 -20.44 13.05 -3.90
C LEU A 69 -20.48 11.50 -3.91
N PRO A 70 -20.01 10.86 -5.00
CA PRO A 70 -19.89 9.38 -4.93
C PRO A 70 -19.06 8.92 -3.72
N SER A 71 -17.96 9.62 -3.45
CA SER A 71 -17.15 9.32 -2.26
C SER A 71 -17.99 9.41 -0.98
N ASP A 72 -18.73 10.51 -0.81
CA ASP A 72 -19.60 10.68 0.35
C ASP A 72 -20.64 9.56 0.48
N ILE A 73 -21.30 9.23 -0.62
CA ILE A 73 -22.26 8.15 -0.61
C ILE A 73 -21.61 6.86 -0.11
N PHE A 74 -20.44 6.53 -0.65
CA PHE A 74 -19.73 5.32 -0.24
C PHE A 74 -19.37 5.33 1.26
N TYR A 75 -18.86 6.45 1.75
CA TYR A 75 -18.45 6.51 3.16
C TYR A 75 -19.60 6.65 4.13
N ALA A 76 -20.67 7.30 3.69
CA ALA A 76 -21.88 7.33 4.49
C ALA A 76 -22.46 5.92 4.60
N TRP A 77 -22.41 5.14 3.53
CA TRP A 77 -22.86 3.75 3.58
C TRP A 77 -21.93 2.91 4.47
N LEU A 78 -20.61 3.10 4.30
CA LEU A 78 -19.62 2.29 5.00
C LEU A 78 -19.68 2.53 6.50
N ASN A 79 -19.73 3.81 6.86
CA ASN A 79 -19.58 4.27 8.23
C ASN A 79 -20.89 4.72 8.90
N GLN A 80 -21.94 3.94 8.65
CA GLN A 80 -23.24 4.13 9.33
C GLN A 80 -23.09 3.96 10.82
N PRO A 81 -23.92 4.67 11.61
CA PRO A 81 -23.81 4.64 13.07
C PRO A 81 -23.76 3.23 13.67
N GLU A 82 -24.56 2.30 13.14
CA GLU A 82 -24.58 0.93 13.69
C GLU A 82 -23.30 0.18 13.42
N ALA A 83 -22.74 0.37 12.23
CA ALA A 83 -21.43 -0.21 11.92
C ALA A 83 -20.35 0.33 12.88
N LEU A 84 -20.30 1.66 13.05
CA LEU A 84 -19.37 2.27 14.00
C LEU A 84 -19.55 1.73 15.41
N GLN A 85 -20.80 1.68 15.86
CA GLN A 85 -21.10 1.26 17.23
C GLN A 85 -20.77 -0.22 17.45
N ALA A 86 -21.13 -1.09 16.51
CA ALA A 86 -20.74 -2.49 16.63
C ALA A 86 -19.20 -2.61 16.68
N PHE A 87 -18.53 -1.83 15.84
CA PHE A 87 -17.08 -1.87 15.73
C PHE A 87 -16.43 -1.45 17.05
N TRP A 88 -16.96 -0.38 17.66
CA TRP A 88 -16.50 0.10 18.96
C TRP A 88 -16.70 -0.91 20.07
N GLN A 89 -17.86 -1.53 20.12
CA GLN A 89 -18.17 -2.49 21.17
C GLN A 89 -17.30 -3.74 21.11
N ALA A 90 -16.70 -3.99 19.94
CA ALA A 90 -15.80 -5.12 19.75
C ALA A 90 -14.34 -4.80 20.12
N GLN A 91 -14.03 -3.54 20.39
CA GLN A 91 -12.66 -3.15 20.72
C GLN A 91 -12.32 -3.52 22.16
N THR A 92 -11.08 -3.92 22.38
CA THR A 92 -10.56 -4.15 23.71
C THR A 92 -10.43 -2.84 24.47
N PRO A 93 -10.48 -2.90 25.82
CA PRO A 93 -10.22 -1.70 26.62
C PRO A 93 -8.93 -0.97 26.21
N ALA A 94 -7.84 -1.70 25.98
CA ALA A 94 -6.59 -1.06 25.59
C ALA A 94 -6.71 -0.22 24.31
N VAL A 95 -7.35 -0.80 23.30
CA VAL A 95 -7.54 -0.10 22.03
C VAL A 95 -8.45 1.11 22.19
N ARG A 96 -9.55 0.94 22.92
CA ARG A 96 -10.44 2.06 23.23
C ARG A 96 -9.69 3.22 23.86
N GLN A 97 -8.82 2.91 24.82
CA GLN A 97 -8.01 3.93 25.50
C GLN A 97 -7.03 4.60 24.55
N LEU A 98 -6.42 3.82 23.66
CA LEU A 98 -5.50 4.37 22.66
C LEU A 98 -6.23 5.43 21.84
N LEU A 99 -7.42 5.09 21.39
CA LEU A 99 -8.20 5.96 20.52
C LEU A 99 -8.69 7.19 21.26
N GLU A 100 -9.12 7.02 22.52
CA GLU A 100 -9.60 8.14 23.30
C GLU A 100 -8.47 9.15 23.55
N GLY A 101 -7.30 8.64 23.88
CA GLY A 101 -6.15 9.50 24.09
C GLY A 101 -5.84 10.30 22.83
N TYR A 102 -5.83 9.60 21.69
CA TYR A 102 -5.48 10.18 20.41
C TYR A 102 -6.42 11.34 20.10
N ALA A 103 -7.72 11.09 20.17
CA ALA A 103 -8.70 12.14 19.89
C ALA A 103 -8.41 13.32 20.80
N ALA A 104 -8.31 13.05 22.10
CA ALA A 104 -8.06 14.11 23.07
C ALA A 104 -6.76 14.87 22.78
N GLY A 105 -5.72 14.17 22.36
CA GLY A 105 -4.43 14.81 22.09
C GLY A 105 -4.46 15.67 20.83
N PHE A 106 -5.14 15.16 19.81
CA PHE A 106 -5.34 15.90 18.58
C PHE A 106 -6.08 17.20 18.87
N ASN A 107 -7.17 17.10 19.65
CA ASN A 107 -7.99 18.24 19.95
C ASN A 107 -7.25 19.25 20.84
N ARG A 108 -6.36 18.76 21.69
CA ARG A 108 -5.57 19.69 22.51
C ARG A 108 -4.71 20.56 21.62
N PHE A 109 -4.07 19.94 20.63
CA PHE A 109 -3.25 20.73 19.69
C PHE A 109 -4.10 21.74 18.91
N LEU A 110 -5.28 21.31 18.48
CA LEU A 110 -6.20 22.22 17.80
C LEU A 110 -6.57 23.42 18.67
N ARG A 111 -6.80 23.18 19.96
CA ARG A 111 -7.17 24.25 20.91
C ARG A 111 -6.08 25.31 20.95
N GLU A 112 -4.83 24.88 20.97
CA GLU A 112 -3.69 25.75 21.12
C GLU A 112 -3.08 26.31 19.84
N ALA A 113 -3.38 25.74 18.67
CA ALA A 113 -2.68 26.07 17.44
C ALA A 113 -2.84 27.54 17.02
N ASP A 114 -1.73 28.12 16.55
CA ASP A 114 -1.72 29.50 16.09
C ASP A 114 -1.25 29.64 14.64
N GLY A 115 -1.06 28.51 13.94
CA GLY A 115 -0.78 28.54 12.49
C GLY A 115 0.68 28.28 12.19
N LYS A 116 1.47 28.20 13.26
CA LYS A 116 2.88 27.88 13.16
C LYS A 116 3.13 26.69 12.22
N THR A 117 2.35 25.61 12.34
CA THR A 117 2.53 24.41 11.52
C THR A 117 1.21 23.90 10.91
N THR A 118 0.20 24.77 10.84
CA THR A 118 -1.13 24.40 10.40
C THR A 118 -1.65 25.47 9.43
N SER A 119 -1.78 25.11 8.16
CA SER A 119 -2.16 26.04 7.10
C SER A 119 -3.66 26.22 6.93
N CYS A 120 -4.46 25.40 7.60
CA CYS A 120 -5.89 25.38 7.39
C CYS A 120 -6.64 25.91 8.59
N LEU A 121 -5.89 26.50 9.52
CA LEU A 121 -6.43 27.23 10.66
C LEU A 121 -7.53 28.16 10.18
N GLY A 122 -8.70 28.09 10.81
CA GLY A 122 -9.84 28.93 10.43
C GLY A 122 -10.88 28.26 9.54
N GLN A 123 -10.45 27.26 8.75
CA GLN A 123 -11.39 26.55 7.90
C GLN A 123 -12.50 25.91 8.74
N PRO A 124 -13.74 25.94 8.22
CA PRO A 124 -14.85 25.37 8.99
C PRO A 124 -14.71 23.85 9.15
N TRP A 125 -13.91 23.21 8.29
CA TRP A 125 -13.76 21.76 8.36
C TRP A 125 -12.65 21.30 9.28
N LEU A 126 -11.80 22.22 9.74
CA LEU A 126 -10.84 21.89 10.78
C LEU A 126 -11.55 21.93 12.13
N ARG A 127 -11.96 20.74 12.60
CA ARG A 127 -12.81 20.63 13.79
C ARG A 127 -12.28 19.62 14.80
N ALA A 128 -12.70 19.78 16.05
CA ALA A 128 -12.44 18.82 17.10
C ALA A 128 -12.86 17.44 16.58
N ILE A 129 -12.08 16.42 16.88
CA ILE A 129 -12.44 15.08 16.43
C ILE A 129 -12.90 14.18 17.57
N ALA A 130 -13.57 13.11 17.21
CA ALA A 130 -14.06 12.17 18.20
C ALA A 130 -13.53 10.78 17.86
N THR A 131 -13.61 9.85 18.83
CA THR A 131 -13.22 8.47 18.59
C THR A 131 -13.93 7.86 17.38
N ASP A 132 -15.21 8.13 17.19
CA ASP A 132 -15.94 7.65 16.00
C ASP A 132 -15.19 8.03 14.71
N ASP A 133 -14.62 9.23 14.67
CA ASP A 133 -13.84 9.66 13.51
C ASP A 133 -12.66 8.75 13.26
N LEU A 134 -12.00 8.31 14.32
CA LEU A 134 -10.87 7.41 14.12
C LEU A 134 -11.36 6.03 13.69
N LEU A 135 -12.56 5.65 14.12
CA LEU A 135 -13.14 4.38 13.66
C LEU A 135 -13.48 4.48 12.19
N ARG A 136 -13.91 5.67 11.76
CA ARG A 136 -14.22 5.93 10.35
C ARG A 136 -12.98 5.82 9.49
N LEU A 137 -11.88 6.40 9.97
CA LEU A 137 -10.60 6.29 9.29
C LEU A 137 -10.16 4.83 9.23
N THR A 138 -10.27 4.13 10.36
CA THR A 138 -9.86 2.73 10.42
C THR A 138 -10.63 1.85 9.43
N ARG A 139 -11.95 1.99 9.42
CA ARG A 139 -12.78 1.22 8.51
C ARG A 139 -12.51 1.54 7.03
N ARG A 140 -12.24 2.82 6.72
CA ARG A 140 -11.84 3.22 5.38
C ARG A 140 -10.56 2.47 4.95
N LEU A 141 -9.63 2.29 5.88
CA LEU A 141 -8.39 1.57 5.58
C LEU A 141 -8.65 0.09 5.49
N LEU A 142 -9.54 -0.42 6.35
CA LEU A 142 -9.87 -1.83 6.38
C LEU A 142 -10.29 -2.38 5.02
N VAL A 143 -11.11 -1.61 4.30
CA VAL A 143 -11.74 -2.07 3.04
C VAL A 143 -10.96 -1.64 1.80
N GLU A 144 -9.75 -1.15 2.02
CA GLU A 144 -8.88 -0.74 0.92
C GLU A 144 -8.54 -1.90 -0.03
N GLY A 145 -8.57 -3.13 0.47
CA GLY A 145 -8.34 -4.31 -0.37
C GLY A 145 -9.62 -5.05 -0.77
N GLY A 146 -10.77 -4.42 -0.56
CA GLY A 146 -12.05 -5.04 -0.84
C GLY A 146 -13.01 -4.04 -1.45
N VAL A 147 -14.14 -3.81 -0.77
CA VAL A 147 -15.20 -2.97 -1.29
C VAL A 147 -14.71 -1.51 -1.59
N GLY A 148 -13.73 -1.04 -0.84
CA GLY A 148 -13.08 0.24 -1.15
C GLY A 148 -12.67 0.40 -2.62
N GLN A 149 -12.15 -0.67 -3.23
CA GLN A 149 -11.69 -0.59 -4.62
CA GLN A 149 -11.70 -0.66 -4.62
C GLN A 149 -12.87 -0.57 -5.59
N PHE A 150 -14.08 -0.80 -5.07
CA PHE A 150 -15.34 -0.73 -5.83
C PHE A 150 -16.29 0.38 -5.37
N ALA A 151 -15.79 1.44 -4.75
CA ALA A 151 -16.63 2.54 -4.28
C ALA A 151 -17.52 3.15 -5.40
N ASP A 152 -16.90 3.46 -6.54
CA ASP A 152 -17.60 3.95 -7.73
C ASP A 152 -18.62 2.92 -8.24
N ALA A 153 -18.21 1.66 -8.29
CA ALA A 153 -19.07 0.59 -8.77
C ALA A 153 -20.32 0.46 -7.90
N LEU A 154 -20.18 0.65 -6.59
CA LEU A 154 -21.32 0.56 -5.67
C LEU A 154 -22.30 1.71 -5.88
N VAL A 155 -21.74 2.91 -6.03
CA VAL A 155 -22.55 4.12 -6.19
C VAL A 155 -23.34 4.06 -7.50
N ALA A 156 -22.75 3.45 -8.51
CA ALA A 156 -23.36 3.27 -9.82
C ALA A 156 -24.39 2.15 -9.91
N ALA A 157 -24.44 1.26 -8.92
CA ALA A 157 -25.33 0.10 -9.01
C ALA A 157 -26.82 0.48 -8.87
N ALA A 158 -27.48 0.55 -10.01
CA ALA A 158 -28.88 0.94 -10.10
C ALA A 158 -29.61 -0.08 -10.98
N PRO A 159 -30.87 -0.42 -10.62
CA PRO A 159 -31.56 -1.46 -11.38
C PRO A 159 -31.91 -1.00 -12.81
N PRO A 160 -32.16 -1.96 -13.71
CA PRO A 160 -32.49 -1.62 -15.10
C PRO A 160 -33.84 -0.93 -15.25
N GLY A 161 -33.99 -0.13 -16.29
CA GLY A 161 -35.29 0.47 -16.61
C GLY A 161 -36.01 -0.34 -17.66
N ALA A 162 -36.61 0.35 -18.63
CA ALA A 162 -37.48 -0.28 -19.62
C ALA A 162 -36.76 -0.85 -20.87
N GLU A 163 -35.43 -0.70 -20.90
CA GLU A 163 -34.61 -1.08 -22.07
C GLU A 163 -34.84 -2.50 -22.62
N SER B 1 5.79 -2.53 -3.11
CA SER B 1 6.52 -2.69 -1.82
C SER B 1 7.60 -3.77 -1.94
N ASN B 2 8.72 -3.57 -1.26
CA ASN B 2 9.70 -4.64 -1.07
C ASN B 2 9.91 -4.95 0.41
N ALA B 3 10.23 -6.21 0.68
CA ALA B 3 10.70 -6.63 2.00
C ALA B 3 11.71 -7.75 1.86
N ILE B 4 12.83 -7.65 2.58
CA ILE B 4 13.81 -8.74 2.70
C ILE B 4 14.14 -8.98 4.17
N ALA B 5 13.98 -10.22 4.62
CA ALA B 5 14.44 -10.61 5.95
C ALA B 5 15.60 -11.60 5.82
N VAL B 6 16.71 -11.33 6.50
CA VAL B 6 17.90 -12.19 6.39
C VAL B 6 18.14 -12.86 7.73
N GLY B 7 18.39 -14.17 7.70
CA GLY B 7 18.64 -14.94 8.91
C GLY B 7 20.10 -15.30 9.17
N SER B 8 20.34 -16.01 10.27
CA SER B 8 21.69 -16.32 10.78
C SER B 8 22.62 -16.99 9.77
N GLU B 9 22.04 -17.75 8.84
CA GLU B 9 22.82 -18.46 7.84
C GLU B 9 23.35 -17.61 6.68
N ARG B 10 22.89 -16.36 6.57
CA ARG B 10 23.34 -15.50 5.47
C ARG B 10 23.85 -14.12 5.87
N SER B 11 23.48 -13.65 7.05
CA SER B 11 23.89 -12.30 7.45
C SER B 11 25.34 -12.31 7.90
N ALA B 12 26.01 -11.19 7.66
CA ALA B 12 27.44 -11.06 7.93
C ALA B 12 27.80 -11.12 9.42
N ASP B 13 26.80 -10.95 10.29
CA ASP B 13 27.01 -11.03 11.74
C ASP B 13 26.35 -12.23 12.41
N GLY B 14 25.76 -13.13 11.61
CA GLY B 14 25.08 -14.31 12.15
C GLY B 14 23.76 -14.03 12.87
N LYS B 15 23.21 -12.83 12.65
CA LYS B 15 21.95 -12.43 13.31
C LYS B 15 20.88 -11.95 12.31
N GLY B 16 19.67 -11.70 12.78
CA GLY B 16 18.61 -11.21 11.93
C GLY B 16 18.91 -9.86 11.32
N MET B 17 18.31 -9.61 10.17
CA MET B 17 18.42 -8.31 9.52
C MET B 17 17.15 -8.12 8.68
N LEU B 18 16.63 -6.90 8.66
CA LEU B 18 15.41 -6.62 7.87
C LEU B 18 15.48 -5.32 7.07
N LEU B 19 15.17 -5.44 5.79
CA LEU B 19 14.93 -4.26 4.97
C LEU B 19 13.44 -4.07 4.76
N ALA B 20 12.96 -2.88 5.11
CA ALA B 20 11.57 -2.50 4.86
C ALA B 20 11.54 -1.38 3.83
N ASN B 21 10.95 -1.67 2.68
CA ASN B 21 10.83 -0.71 1.60
C ASN B 21 9.40 -0.67 1.04
N PRO B 22 8.40 -0.31 1.86
CA PRO B 22 7.03 -0.21 1.38
C PRO B 22 6.86 0.87 0.31
N HIS B 23 5.95 0.63 -0.64
CA HIS B 23 5.66 1.56 -1.71
C HIS B 23 4.21 2.01 -1.60
N PHE B 24 4.02 3.22 -1.10
CA PHE B 24 2.70 3.73 -0.74
C PHE B 24 2.58 5.20 -1.14
N PRO B 25 1.35 5.77 -1.10
CA PRO B 25 1.16 7.16 -1.56
C PRO B 25 1.97 8.19 -0.79
N TRP B 26 2.32 9.29 -1.47
CA TRP B 26 3.04 10.42 -0.86
C TRP B 26 2.09 11.44 -0.22
N ASN B 27 0.79 11.24 -0.43
CA ASN B 27 -0.26 12.08 0.13
C ASN B 27 -1.45 11.28 0.62
N GLY B 28 -2.29 11.91 1.43
CA GLY B 28 -3.61 11.37 1.74
C GLY B 28 -3.64 10.40 2.90
N ALA B 29 -4.63 9.53 2.91
CA ALA B 29 -4.95 8.72 4.10
C ALA B 29 -4.05 7.53 4.35
N MET B 30 -3.06 7.34 3.48
CA MET B 30 -2.08 6.25 3.64
C MET B 30 -0.66 6.79 3.66
N ARG B 31 -0.55 8.08 3.94
CA ARG B 31 0.77 8.70 4.05
C ARG B 31 1.41 8.26 5.36
N PHE B 32 2.49 7.48 5.28
CA PHE B 32 3.24 7.04 6.48
C PHE B 32 3.71 8.19 7.40
N TYR B 33 3.72 7.91 8.69
CA TYR B 33 4.19 8.84 9.71
C TYR B 33 5.06 8.08 10.74
N GLN B 34 6.24 8.62 11.04
CA GLN B 34 7.18 7.98 11.97
C GLN B 34 6.85 8.33 13.41
N MET B 35 7.02 7.34 14.29
CA MET B 35 6.86 7.55 15.72
C MET B 35 7.49 6.41 16.49
N HIS B 36 7.86 6.71 17.74
CA HIS B 36 8.39 5.74 18.68
C HIS B 36 7.44 5.78 19.91
N LEU B 37 6.98 4.60 20.32
CA LEU B 37 5.96 4.47 21.36
C LEU B 37 6.52 3.63 22.50
N THR B 38 6.44 4.17 23.72
CA THR B 38 6.98 3.49 24.89
C THR B 38 6.06 3.59 26.11
N ILE B 39 5.63 2.44 26.61
CA ILE B 39 5.10 2.35 27.97
C ILE B 39 6.14 1.55 28.73
N PRO B 40 6.96 2.24 29.54
CA PRO B 40 8.15 1.61 30.12
C PRO B 40 7.82 0.33 30.87
N GLY B 41 8.60 -0.71 30.59
CA GLY B 41 8.36 -2.04 31.13
C GLY B 41 7.58 -2.97 30.21
N ARG B 42 6.72 -2.46 29.34
CA ARG B 42 5.85 -3.39 28.62
C ARG B 42 5.64 -3.13 27.13
N LEU B 43 6.07 -1.96 26.67
CA LEU B 43 5.99 -1.61 25.25
C LEU B 43 7.09 -0.66 24.87
N ASP B 44 7.89 -1.04 23.88
CA ASP B 44 8.91 -0.15 23.33
C ASP B 44 9.11 -0.48 21.87
N VAL B 45 8.51 0.31 21.01
CA VAL B 45 8.46 -0.01 19.58
C VAL B 45 8.56 1.27 18.74
N MET B 46 9.28 1.19 17.62
CA MET B 46 9.48 2.33 16.73
C MET B 46 9.25 1.95 15.29
N GLY B 47 8.65 2.87 14.53
CA GLY B 47 8.53 2.70 13.08
C GLY B 47 7.67 3.77 12.45
N ALA B 48 6.70 3.32 11.65
CA ALA B 48 5.82 4.25 10.93
C ALA B 48 4.43 3.67 10.80
N SER B 49 3.45 4.54 10.63
CA SER B 49 2.05 4.16 10.63
C SER B 49 1.20 5.02 9.71
N LEU B 50 -0.04 4.61 9.53
CA LEU B 50 -0.96 5.32 8.69
C LEU B 50 -1.72 6.34 9.52
N PRO B 51 -2.19 7.44 8.87
CA PRO B 51 -2.85 8.51 9.58
C PRO B 51 -4.05 8.05 10.39
N GLY B 52 -4.08 8.49 11.65
CA GLY B 52 -5.20 8.24 12.54
C GLY B 52 -5.09 6.98 13.37
N LEU B 53 -4.00 6.22 13.19
CA LEU B 53 -3.84 4.94 13.90
C LEU B 53 -2.83 5.07 15.05
N PRO B 54 -3.26 4.76 16.30
CA PRO B 54 -2.41 4.92 17.47
C PRO B 54 -1.58 3.66 17.75
N VAL B 55 -1.09 3.03 16.69
CA VAL B 55 -0.22 1.86 16.75
C VAL B 55 0.87 2.05 15.69
N VAL B 56 1.94 1.26 15.80
CA VAL B 56 3.00 1.26 14.81
C VAL B 56 2.70 0.19 13.75
N ASN B 57 2.69 0.56 12.47
CA ASN B 57 2.34 -0.40 11.43
C ASN B 57 3.52 -1.17 10.90
N ILE B 58 4.62 -0.48 10.63
CA ILE B 58 5.88 -1.10 10.22
C ILE B 58 6.94 -0.58 11.17
N GLY B 59 7.70 -1.46 11.81
CA GLY B 59 8.66 -1.00 12.78
C GLY B 59 9.60 -2.04 13.32
N PHE B 60 10.11 -1.78 14.53
CA PHE B 60 11.06 -2.65 15.18
C PHE B 60 11.00 -2.41 16.67
N SER B 61 11.51 -3.38 17.40
CA SER B 61 11.66 -3.27 18.84
C SER B 61 13.03 -3.87 19.20
N ARG B 62 13.18 -4.25 20.47
CA ARG B 62 14.47 -4.64 21.02
C ARG B 62 15.13 -5.82 20.28
N HIS B 63 14.33 -6.84 19.98
CA HIS B 63 14.86 -8.04 19.32
C HIS B 63 14.17 -8.36 17.99
N LEU B 64 13.26 -7.51 17.55
CA LEU B 64 12.43 -7.80 16.39
C LEU B 64 12.26 -6.61 15.45
N ALA B 65 12.23 -6.88 14.14
CA ALA B 65 11.85 -5.92 13.13
C ALA B 65 10.87 -6.58 12.18
N TRP B 66 9.81 -5.86 11.80
CA TRP B 66 8.84 -6.41 10.84
C TRP B 66 8.40 -5.34 9.83
N THR B 67 7.79 -5.81 8.75
CA THR B 67 7.28 -4.95 7.71
C THR B 67 6.20 -5.70 6.95
N HIS B 68 5.59 -5.02 6.00
CA HIS B 68 4.45 -5.58 5.28
C HIS B 68 4.53 -5.25 3.80
N THR B 69 3.87 -6.08 2.99
CA THR B 69 3.74 -5.84 1.55
C THR B 69 2.33 -6.23 1.15
N VAL B 70 1.72 -5.45 0.27
CA VAL B 70 0.40 -5.81 -0.26
C VAL B 70 0.50 -7.19 -0.89
N ASP B 71 -0.42 -8.07 -0.52
CA ASP B 71 -0.38 -9.45 -0.97
C ASP B 71 -1.21 -9.66 -2.23
N THR B 72 -1.15 -10.86 -2.80
CA THR B 72 -1.90 -11.16 -4.01
C THR B 72 -3.12 -11.98 -3.65
N SER B 73 -3.36 -12.18 -2.36
CA SER B 73 -4.52 -12.91 -1.89
C SER B 73 -5.78 -12.09 -2.13
N SER B 74 -6.91 -12.80 -2.25
CA SER B 74 -8.20 -12.14 -2.34
C SER B 74 -8.75 -11.84 -0.93
N HIS B 75 -9.35 -10.66 -0.77
CA HIS B 75 -9.90 -10.25 0.53
C HIS B 75 -11.40 -9.98 0.45
N PHE B 76 -11.97 -10.42 -0.66
CA PHE B 76 -13.39 -10.26 -0.97
C PHE B 76 -13.77 -11.28 -2.04
N THR B 77 -15.05 -11.52 -2.22
CA THR B 77 -15.46 -12.23 -3.43
C THR B 77 -16.63 -11.50 -4.03
N LEU B 78 -16.66 -11.48 -5.36
CA LEU B 78 -17.86 -11.06 -6.08
C LEU B 78 -18.80 -12.23 -6.10
N TYR B 79 -20.09 -11.93 -6.18
CA TYR B 79 -21.11 -12.94 -6.33
C TYR B 79 -21.99 -12.57 -7.51
N ARG B 80 -22.00 -13.41 -8.54
CA ARG B 80 -22.93 -13.21 -9.64
C ARG B 80 -24.31 -13.66 -9.20
N LEU B 81 -25.25 -12.73 -9.23
CA LEU B 81 -26.63 -13.04 -8.89
C LEU B 81 -27.40 -13.44 -10.15
N ALA B 82 -28.27 -14.44 -10.02
CA ALA B 82 -29.30 -14.70 -11.02
C ALA B 82 -30.55 -13.95 -10.63
N LEU B 83 -31.02 -13.07 -11.50
CA LEU B 83 -32.19 -12.27 -11.16
C LEU B 83 -33.51 -13.01 -11.36
N ASP B 84 -34.47 -12.70 -10.50
CA ASP B 84 -35.85 -13.14 -10.69
C ASP B 84 -36.32 -12.67 -12.06
N PRO B 85 -36.82 -13.61 -12.89
CA PRO B 85 -37.29 -13.25 -14.23
C PRO B 85 -38.46 -12.24 -14.25
N LYS B 86 -39.27 -12.22 -13.19
CA LYS B 86 -40.35 -11.23 -13.05
C LYS B 86 -39.92 -9.89 -12.39
N ASP B 87 -38.75 -9.86 -11.74
CA ASP B 87 -38.36 -8.70 -10.92
C ASP B 87 -36.84 -8.57 -10.77
N PRO B 88 -36.23 -7.62 -11.51
CA PRO B 88 -34.77 -7.38 -11.44
C PRO B 88 -34.28 -6.76 -10.11
N ARG B 89 -35.20 -6.53 -9.18
CA ARG B 89 -34.82 -6.16 -7.81
C ARG B 89 -34.91 -7.38 -6.89
N ARG B 90 -35.18 -8.55 -7.48
CA ARG B 90 -35.13 -9.81 -6.73
C ARG B 90 -34.11 -10.74 -7.36
N TYR B 91 -33.53 -11.62 -6.56
CA TYR B 91 -32.50 -12.54 -7.02
C TYR B 91 -32.77 -13.92 -6.44
N LEU B 92 -32.27 -14.95 -7.12
CA LEU B 92 -32.60 -16.34 -6.76
C LEU B 92 -31.47 -17.05 -6.04
N VAL B 93 -31.78 -17.70 -4.93
CA VAL B 93 -30.84 -18.57 -4.23
C VAL B 93 -31.51 -19.92 -4.09
N ASP B 94 -30.86 -20.97 -4.57
CA ASP B 94 -31.51 -22.29 -4.59
C ASP B 94 -32.92 -22.16 -5.19
N GLY B 95 -33.05 -21.30 -6.21
CA GLY B 95 -34.27 -21.18 -7.01
C GLY B 95 -35.40 -20.42 -6.33
N ARG B 96 -35.11 -19.87 -5.15
CA ARG B 96 -36.08 -19.11 -4.38
C ARG B 96 -35.81 -17.61 -4.58
N SER B 97 -36.88 -16.86 -4.84
CA SER B 97 -36.79 -15.43 -5.09
C SER B 97 -36.68 -14.63 -3.81
N LEU B 98 -35.53 -13.98 -3.63
CA LEU B 98 -35.29 -13.13 -2.47
C LEU B 98 -35.30 -11.66 -2.89
N PRO B 99 -35.88 -10.78 -2.05
CA PRO B 99 -35.86 -9.36 -2.41
C PRO B 99 -34.52 -8.71 -2.04
N LEU B 100 -34.04 -7.80 -2.88
CA LEU B 100 -32.94 -6.94 -2.46
C LEU B 100 -33.39 -5.98 -1.37
N GLU B 101 -32.47 -5.70 -0.46
CA GLU B 101 -32.66 -4.67 0.54
C GLU B 101 -32.16 -3.32 0.04
N GLU B 102 -32.82 -2.27 0.49
CA GLU B 102 -32.48 -0.92 0.07
C GLU B 102 -32.09 -0.11 1.30
N LYS B 103 -30.90 0.48 1.25
CA LYS B 103 -30.47 1.38 2.31
C LYS B 103 -30.17 2.73 1.68
N SER B 104 -30.90 3.74 2.13
CA SER B 104 -30.73 5.08 1.64
C SER B 104 -29.79 5.88 2.52
N VAL B 105 -28.90 6.62 1.89
CA VAL B 105 -28.06 7.57 2.60
C VAL B 105 -28.40 8.94 2.09
N ALA B 106 -28.22 9.94 2.96
CA ALA B 106 -28.53 11.31 2.62
C ALA B 106 -27.27 12.15 2.81
N ILE B 107 -26.92 12.87 1.75
CA ILE B 107 -25.70 13.64 1.70
C ILE B 107 -26.05 15.11 1.53
N GLU B 108 -25.38 15.97 2.29
CA GLU B 108 -25.50 17.42 2.08
C GLU B 108 -24.53 17.90 1.03
N VAL B 109 -25.01 18.73 0.12
CA VAL B 109 -24.20 19.20 -0.99
C VAL B 109 -24.20 20.73 -1.07
N ARG B 110 -23.01 21.31 -0.98
CA ARG B 110 -22.83 22.75 -1.16
C ARG B 110 -23.00 23.10 -2.63
N GLY B 111 -24.09 23.81 -2.92
CA GLY B 111 -24.36 24.28 -4.28
C GLY B 111 -23.51 25.48 -4.71
N ALA B 112 -23.68 25.89 -5.96
CA ALA B 112 -23.04 27.08 -6.53
C ALA B 112 -23.32 28.34 -5.73
N ASP B 113 -24.54 28.39 -5.17
CA ASP B 113 -25.01 29.50 -4.34
C ASP B 113 -24.49 29.46 -2.88
N GLY B 114 -23.56 28.55 -2.58
CA GLY B 114 -23.02 28.40 -1.21
C GLY B 114 -23.96 27.77 -0.20
N LYS B 115 -25.15 27.37 -0.66
CA LYS B 115 -26.16 26.79 0.23
C LYS B 115 -26.21 25.25 0.09
N LEU B 116 -26.76 24.61 1.12
CA LEU B 116 -26.80 23.17 1.19
C LEU B 116 -28.10 22.61 0.63
N SER B 117 -28.01 21.53 -0.13
CA SER B 117 -29.20 20.73 -0.42
C SER B 117 -28.96 19.25 -0.12
N ARG B 118 -30.06 18.53 0.10
CA ARG B 118 -30.03 17.13 0.50
C ARG B 118 -30.15 16.20 -0.71
N VAL B 119 -29.16 15.35 -0.89
CA VAL B 119 -29.20 14.33 -1.93
C VAL B 119 -29.42 12.97 -1.28
N GLU B 120 -30.46 12.27 -1.72
CA GLU B 120 -30.76 10.95 -1.24
C GLU B 120 -30.29 9.93 -2.25
N HIS B 121 -29.66 8.87 -1.76
CA HIS B 121 -29.14 7.84 -2.64
C HIS B 121 -29.47 6.47 -2.07
N LYS B 122 -30.02 5.62 -2.92
CA LYS B 122 -30.33 4.24 -2.54
C LYS B 122 -29.19 3.24 -2.80
N VAL B 123 -28.85 2.47 -1.77
CA VAL B 123 -27.85 1.43 -1.88
C VAL B 123 -28.51 0.07 -1.77
N TYR B 124 -28.48 -0.65 -2.88
CA TYR B 124 -29.05 -1.99 -2.95
C TYR B 124 -28.10 -3.03 -2.39
N GLN B 125 -28.66 -3.90 -1.53
CA GLN B 125 -27.86 -4.89 -0.85
C GLN B 125 -28.52 -6.24 -0.96
N SER B 126 -27.68 -7.27 -1.11
CA SER B 126 -28.12 -8.67 -1.09
C SER B 126 -27.58 -9.31 0.18
N ILE B 127 -27.97 -10.56 0.44
CA ILE B 127 -27.41 -11.29 1.57
C ILE B 127 -25.88 -11.33 1.59
N TYR B 128 -25.23 -11.11 0.44
CA TYR B 128 -23.78 -11.15 0.34
C TYR B 128 -23.13 -9.79 0.65
N GLY B 129 -23.89 -8.72 0.48
CA GLY B 129 -23.29 -7.40 0.45
C GLY B 129 -23.90 -6.57 -0.67
N PRO B 130 -23.36 -5.35 -0.86
CA PRO B 130 -23.95 -4.43 -1.82
C PRO B 130 -23.67 -4.83 -3.27
N LEU B 131 -24.59 -4.45 -4.15
CA LEU B 131 -24.42 -4.63 -5.56
C LEU B 131 -23.40 -3.61 -6.07
N VAL B 132 -22.67 -4.01 -7.10
CA VAL B 132 -21.66 -3.18 -7.74
C VAL B 132 -21.85 -3.28 -9.25
N VAL B 133 -21.64 -2.15 -9.94
CA VAL B 133 -21.78 -2.09 -11.39
C VAL B 133 -20.48 -1.57 -12.02
N TRP B 134 -19.89 -2.39 -12.87
CA TRP B 134 -18.76 -2.04 -13.72
C TRP B 134 -19.28 -2.08 -15.14
N PRO B 135 -19.53 -0.91 -15.74
CA PRO B 135 -20.20 -0.91 -17.05
C PRO B 135 -19.38 -1.64 -18.13
N GLY B 136 -20.04 -2.53 -18.84
CA GLY B 136 -19.40 -3.37 -19.84
C GLY B 136 -18.65 -4.55 -19.25
N LYS B 137 -18.72 -4.72 -17.93
CA LYS B 137 -18.04 -5.85 -17.29
C LYS B 137 -18.94 -6.52 -16.26
N LEU B 138 -19.33 -5.76 -15.23
CA LEU B 138 -20.26 -6.25 -14.23
C LEU B 138 -21.50 -5.37 -14.26
N ASP B 139 -22.43 -5.70 -15.16
CA ASP B 139 -23.67 -4.96 -15.32
C ASP B 139 -24.77 -5.41 -14.33
N TRP B 140 -25.83 -4.61 -14.28
CA TRP B 140 -27.06 -5.01 -13.64
C TRP B 140 -28.13 -4.95 -14.73
N ASN B 141 -28.43 -6.10 -15.33
CA ASN B 141 -29.45 -6.15 -16.37
C ASN B 141 -30.68 -6.89 -15.85
N ARG B 142 -31.46 -7.49 -16.75
CA ARG B 142 -32.68 -8.17 -16.34
C ARG B 142 -32.45 -9.64 -15.97
N SER B 143 -31.24 -10.14 -16.20
CA SER B 143 -30.96 -11.52 -15.84
C SER B 143 -29.82 -11.69 -14.84
N GLU B 144 -28.95 -10.70 -14.70
CA GLU B 144 -27.86 -10.83 -13.73
C GLU B 144 -27.41 -9.52 -13.09
N ALA B 145 -26.87 -9.64 -11.88
CA ALA B 145 -26.24 -8.55 -11.15
C ALA B 145 -25.08 -9.13 -10.37
N TYR B 146 -24.20 -8.25 -9.87
CA TYR B 146 -23.08 -8.67 -9.05
C TYR B 146 -23.09 -7.98 -7.70
N ALA B 147 -22.86 -8.78 -6.66
CA ALA B 147 -22.75 -8.28 -5.30
C ALA B 147 -21.34 -8.57 -4.81
N LEU B 148 -20.94 -7.91 -3.72
CA LEU B 148 -19.57 -7.99 -3.26
C LEU B 148 -19.55 -8.26 -1.79
N ARG B 149 -18.90 -9.35 -1.40
CA ARG B 149 -18.73 -9.65 0.00
C ARG B 149 -17.30 -9.34 0.42
N ASP B 150 -17.14 -8.29 1.23
CA ASP B 150 -15.83 -7.87 1.71
C ASP B 150 -15.56 -8.56 3.06
N ALA B 151 -14.47 -9.32 3.14
CA ALA B 151 -14.15 -10.12 4.31
C ALA B 151 -13.69 -9.26 5.49
N ASN B 152 -13.13 -8.09 5.19
CA ASN B 152 -12.64 -7.21 6.24
C ASN B 152 -13.67 -6.34 6.94
N LEU B 153 -14.89 -6.29 6.42
CA LEU B 153 -15.99 -5.57 7.10
C LEU B 153 -16.32 -6.10 8.50
N GLU B 154 -16.03 -7.38 8.76
CA GLU B 154 -16.29 -8.00 10.05
C GLU B 154 -14.98 -8.18 10.82
N ASN B 155 -13.88 -7.64 10.28
CA ASN B 155 -12.58 -7.66 10.97
C ASN B 155 -12.51 -6.49 11.96
N THR B 156 -13.06 -6.72 13.16
CA THR B 156 -12.98 -5.75 14.24
C THR B 156 -11.65 -5.86 14.99
N ARG B 157 -10.80 -6.81 14.55
CA ARG B 157 -9.57 -7.13 15.27
C ARG B 157 -8.34 -6.40 14.75
N VAL B 158 -8.51 -5.58 13.72
CA VAL B 158 -7.38 -4.96 13.04
C VAL B 158 -6.48 -4.12 13.96
N LEU B 159 -7.04 -3.28 14.81
CA LEU B 159 -6.22 -2.40 15.68
C LEU B 159 -5.52 -3.20 16.77
N GLN B 160 -6.27 -4.09 17.42
CA GLN B 160 -5.73 -5.02 18.42
C GLN B 160 -4.59 -5.82 17.81
N GLN B 161 -4.72 -6.18 16.52
CA GLN B 161 -3.68 -6.95 15.84
C GLN B 161 -2.34 -6.22 15.77
N TRP B 162 -2.36 -4.94 15.38
CA TRP B 162 -1.12 -4.16 15.35
C TRP B 162 -0.59 -3.80 16.74
N TYR B 163 -1.47 -3.44 17.66
CA TYR B 163 -1.04 -3.28 19.04
C TYR B 163 -0.32 -4.55 19.51
N SER B 164 -0.85 -5.72 19.15
CA SER B 164 -0.25 -6.98 19.57
C SER B 164 1.12 -7.20 18.92
N ILE B 165 1.19 -6.99 17.61
CA ILE B 165 2.47 -7.01 16.89
C ILE B 165 3.47 -6.06 17.56
N ASN B 166 3.01 -4.87 17.95
CA ASN B 166 3.88 -3.89 18.64
C ASN B 166 4.48 -4.42 19.92
N GLN B 167 3.81 -5.39 20.55
CA GLN B 167 4.28 -5.98 21.81
C GLN B 167 5.13 -7.26 21.62
N ALA B 168 5.24 -7.76 20.39
CA ALA B 168 5.95 -9.02 20.10
C ALA B 168 7.46 -9.00 20.40
N SER B 169 7.96 -10.10 20.97
CA SER B 169 9.37 -10.15 21.39
C SER B 169 10.28 -10.56 20.26
N ASP B 170 9.97 -11.69 19.62
CA ASP B 170 10.81 -12.23 18.57
C ASP B 170 9.90 -12.77 17.49
N VAL B 171 10.50 -13.38 16.47
CA VAL B 171 9.78 -13.91 15.34
C VAL B 171 8.72 -14.96 15.69
N ALA B 172 9.03 -15.85 16.62
CA ALA B 172 8.06 -16.88 17.04
C ALA B 172 6.89 -16.27 17.80
N ASP B 173 7.15 -15.19 18.55
CA ASP B 173 6.09 -14.52 19.27
C ASP B 173 5.17 -13.78 18.28
N LEU B 174 5.79 -13.15 17.27
CA LEU B 174 5.07 -12.44 16.23
C LEU B 174 4.12 -13.38 15.47
N ARG B 175 4.67 -14.50 15.01
CA ARG B 175 3.89 -15.55 14.35
C ARG B 175 2.68 -15.99 15.20
N ARG B 176 2.92 -16.33 16.46
CA ARG B 176 1.85 -16.66 17.41
C ARG B 176 0.77 -15.58 17.46
N ARG B 177 1.19 -14.34 17.69
CA ARG B 177 0.28 -13.20 17.86
C ARG B 177 -0.53 -12.90 16.60
N VAL B 178 0.06 -13.12 15.43
CA VAL B 178 -0.63 -12.89 14.16
C VAL B 178 -1.56 -14.06 13.80
N GLU B 179 -1.11 -15.29 14.04
CA GLU B 179 -1.97 -16.45 13.74
C GLU B 179 -3.17 -16.57 14.71
N ALA B 180 -3.01 -16.10 15.95
CA ALA B 180 -4.08 -16.24 16.96
C ALA B 180 -5.23 -15.30 16.71
N LEU B 181 -4.91 -14.12 16.18
CA LEU B 181 -5.90 -13.08 16.07
C LEU B 181 -6.44 -12.91 14.64
N GLN B 182 -5.59 -13.16 13.64
CA GLN B 182 -5.97 -13.04 12.23
C GLN B 182 -6.62 -11.67 11.94
N GLY B 183 -5.99 -10.62 12.44
CA GLY B 183 -6.53 -9.29 12.27
C GLY B 183 -5.98 -8.52 11.09
N ILE B 184 -4.93 -9.03 10.43
CA ILE B 184 -4.32 -8.37 9.28
C ILE B 184 -5.17 -8.40 8.00
N PRO B 185 -5.56 -7.21 7.47
CA PRO B 185 -6.52 -7.14 6.37
C PRO B 185 -6.01 -7.59 5.00
N TRP B 186 -4.87 -7.05 4.56
CA TRP B 186 -4.47 -7.27 3.17
C TRP B 186 -2.98 -7.18 2.85
N VAL B 187 -2.16 -7.54 3.84
CA VAL B 187 -0.72 -7.56 3.65
C VAL B 187 -0.07 -8.87 4.16
N ASN B 188 1.03 -9.21 3.49
CA ASN B 188 2.05 -10.11 3.99
C ASN B 188 2.77 -9.48 5.18
N THR B 189 3.45 -10.32 5.96
CA THR B 189 4.31 -9.86 7.03
C THR B 189 5.65 -10.55 6.85
N LEU B 190 6.72 -9.77 6.89
CA LEU B 190 8.06 -10.31 6.86
C LEU B 190 8.78 -9.73 8.04
N ALA B 191 9.62 -10.55 8.68
CA ALA B 191 10.23 -10.21 9.97
C ALA B 191 11.56 -10.92 10.15
N ALA B 192 12.45 -10.29 10.91
CA ALA B 192 13.64 -10.96 11.40
C ALA B 192 13.88 -10.57 12.85
N ASP B 193 14.54 -11.43 13.60
CA ASP B 193 14.82 -11.16 15.01
C ASP B 193 16.31 -11.31 15.30
N GLU B 194 16.72 -10.98 16.52
CA GLU B 194 18.13 -11.00 16.91
C GLU B 194 18.79 -12.37 16.77
N GLN B 195 18.06 -13.42 17.15
CA GLN B 195 18.57 -14.79 17.06
C GLN B 195 18.74 -15.32 15.63
N GLY B 196 18.30 -14.56 14.64
CA GLY B 196 18.60 -14.90 13.26
C GLY B 196 17.54 -15.65 12.48
N ASN B 197 16.30 -15.62 12.95
CA ASN B 197 15.20 -16.18 12.18
C ASN B 197 14.67 -15.17 11.15
N ALA B 198 14.22 -15.69 10.01
CA ALA B 198 13.62 -14.88 8.97
C ALA B 198 12.26 -15.47 8.64
N LEU B 199 11.22 -14.65 8.77
CA LEU B 199 9.84 -15.10 8.66
C LEU B 199 9.08 -14.40 7.54
N TYR B 200 8.36 -15.20 6.74
CA TYR B 200 7.35 -14.68 5.81
C TYR B 200 6.00 -15.27 6.23
N MET B 201 4.97 -14.43 6.31
CA MET B 201 3.60 -14.90 6.49
C MET B 201 2.68 -14.25 5.48
N ASN B 202 1.92 -15.08 4.79
CA ASN B 202 0.80 -14.65 3.97
C ASN B 202 -0.46 -14.73 4.86
N GLN B 203 -0.37 -14.11 6.05
CA GLN B 203 -1.40 -14.23 7.09
C GLN B 203 -2.32 -13.01 7.19
N SER B 204 -3.41 -13.06 6.43
CA SER B 204 -4.38 -12.00 6.38
C SER B 204 -5.81 -12.56 6.40
N VAL B 205 -6.80 -11.67 6.30
CA VAL B 205 -8.20 -12.08 6.27
C VAL B 205 -8.56 -12.39 4.82
N VAL B 206 -8.75 -13.69 4.56
CA VAL B 206 -8.99 -14.21 3.22
C VAL B 206 -10.25 -15.09 3.21
N PRO B 207 -11.20 -14.80 2.30
CA PRO B 207 -12.40 -15.62 2.13
C PRO B 207 -12.09 -17.11 2.06
N TYR B 208 -12.84 -17.91 2.82
CA TYR B 208 -12.59 -19.35 2.85
C TYR B 208 -13.62 -20.14 2.05
N LEU B 209 -13.12 -20.95 1.13
CA LEU B 209 -13.92 -21.99 0.50
C LEU B 209 -13.16 -23.29 0.53
N LYS B 210 -13.80 -24.34 1.05
CA LYS B 210 -13.23 -25.69 1.03
C LYS B 210 -12.81 -26.03 -0.40
N PRO B 211 -11.71 -26.81 -0.55
CA PRO B 211 -11.08 -27.02 -1.86
C PRO B 211 -11.97 -27.70 -2.90
N GLU B 212 -12.92 -28.52 -2.46
CA GLU B 212 -13.78 -29.23 -3.39
C GLU B 212 -14.91 -28.34 -3.96
N LEU B 213 -15.06 -27.13 -3.39
CA LEU B 213 -16.13 -26.24 -3.83
C LEU B 213 -15.67 -25.25 -4.89
N ILE B 214 -14.37 -25.00 -4.94
CA ILE B 214 -13.82 -23.94 -5.78
C ILE B 214 -14.12 -24.11 -7.28
N PRO B 215 -13.83 -25.30 -7.86
CA PRO B 215 -14.06 -25.40 -9.31
C PRO B 215 -15.52 -25.17 -9.70
N ALA B 216 -16.44 -25.63 -8.86
CA ALA B 216 -17.86 -25.50 -9.14
C ALA B 216 -18.42 -24.13 -8.77
N CYS B 217 -17.81 -23.46 -7.79
CA CYS B 217 -18.33 -22.16 -7.34
C CYS B 217 -17.73 -20.96 -8.04
N ALA B 218 -16.62 -21.16 -8.74
CA ALA B 218 -15.97 -20.08 -9.46
C ALA B 218 -16.78 -19.66 -10.70
N ILE B 219 -16.72 -18.38 -11.04
CA ILE B 219 -17.21 -17.91 -12.34
C ILE B 219 -15.98 -17.95 -13.25
N PRO B 220 -15.88 -18.97 -14.11
CA PRO B 220 -14.63 -19.32 -14.82
C PRO B 220 -14.02 -18.19 -15.63
N GLN B 221 -14.83 -17.48 -16.40
CA GLN B 221 -14.35 -16.38 -17.23
C GLN B 221 -13.83 -15.18 -16.41
N LEU B 222 -14.36 -15.00 -15.19
CA LEU B 222 -13.96 -13.88 -14.35
C LEU B 222 -12.73 -14.20 -13.51
N VAL B 223 -12.61 -15.43 -13.03
CA VAL B 223 -11.40 -15.82 -12.31
C VAL B 223 -10.17 -15.80 -13.22
N ALA B 224 -10.37 -16.06 -14.51
CA ALA B 224 -9.29 -16.04 -15.49
C ALA B 224 -8.72 -14.64 -15.67
N GLU B 225 -9.54 -13.63 -15.35
CA GLU B 225 -9.11 -12.24 -15.30
C GLU B 225 -8.64 -11.82 -13.91
N GLY B 226 -8.60 -12.78 -12.97
CA GLY B 226 -8.09 -12.54 -11.63
C GLY B 226 -9.09 -11.95 -10.66
N LEU B 227 -10.38 -11.95 -11.01
CA LEU B 227 -11.44 -11.54 -10.09
C LEU B 227 -11.94 -12.74 -9.31
N PRO B 228 -12.00 -12.61 -7.97
CA PRO B 228 -12.53 -13.67 -7.10
C PRO B 228 -14.06 -13.68 -7.19
N ALA B 229 -14.60 -14.40 -8.17
CA ALA B 229 -16.01 -14.32 -8.42
C ALA B 229 -16.63 -15.68 -8.20
N LEU B 230 -17.78 -15.69 -7.54
CA LEU B 230 -18.45 -16.92 -7.19
C LEU B 230 -19.90 -16.91 -7.68
N GLN B 231 -20.51 -18.11 -7.73
CA GLN B 231 -21.92 -18.30 -8.10
C GLN B 231 -22.85 -17.96 -6.93
N GLY B 232 -23.58 -16.85 -7.05
CA GLY B 232 -24.44 -16.36 -5.99
C GLY B 232 -25.87 -16.88 -6.01
N GLN B 233 -26.16 -17.82 -6.91
CA GLN B 233 -27.49 -18.44 -6.96
C GLN B 233 -27.50 -19.80 -6.22
N ASP B 234 -26.38 -20.14 -5.59
CA ASP B 234 -26.18 -21.46 -4.97
C ASP B 234 -25.73 -21.28 -3.52
N SER B 235 -26.57 -21.69 -2.56
CA SER B 235 -26.22 -21.51 -1.14
C SER B 235 -24.92 -22.21 -0.74
N ARG B 236 -24.54 -23.25 -1.47
CA ARG B 236 -23.31 -24.00 -1.18
C ARG B 236 -22.04 -23.21 -1.53
N CYS B 237 -22.19 -22.08 -2.21
CA CYS B 237 -21.03 -21.23 -2.53
C CYS B 237 -20.82 -20.10 -1.52
N ALA B 238 -21.55 -20.16 -0.40
CA ALA B 238 -21.29 -19.28 0.74
C ALA B 238 -19.89 -19.62 1.24
N TRP B 239 -19.20 -18.64 1.83
CA TRP B 239 -17.89 -18.94 2.42
C TRP B 239 -18.02 -20.06 3.44
N SER B 240 -17.08 -20.99 3.43
CA SER B 240 -17.10 -22.14 4.34
C SER B 240 -16.81 -21.71 5.78
N ARG B 241 -17.41 -22.43 6.73
CA ARG B 241 -17.13 -22.20 8.14
C ARG B 241 -16.12 -23.22 8.65
N ASP B 242 -15.16 -22.73 9.42
CA ASP B 242 -14.22 -23.59 10.08
C ASP B 242 -14.04 -23.01 11.47
N PRO B 243 -14.29 -23.82 12.51
CA PRO B 243 -14.33 -23.30 13.88
C PRO B 243 -12.98 -22.75 14.36
N ALA B 244 -11.91 -23.14 13.67
CA ALA B 244 -10.55 -22.66 13.94
C ALA B 244 -10.24 -21.25 13.38
N ALA B 245 -11.05 -20.78 12.42
CA ALA B 245 -10.93 -19.39 11.93
C ALA B 245 -11.33 -18.40 13.01
N ALA B 246 -10.57 -17.30 13.13
CA ALA B 246 -10.88 -16.25 14.12
C ALA B 246 -12.17 -15.50 13.78
N GLN B 247 -12.64 -15.67 12.56
CA GLN B 247 -13.82 -14.96 12.09
C GLN B 247 -14.56 -15.84 11.10
N ALA B 248 -15.88 -15.85 11.19
CA ALA B 248 -16.69 -16.78 10.39
C ALA B 248 -16.56 -16.51 8.88
N GLY B 249 -16.25 -17.54 8.12
CA GLY B 249 -16.08 -17.39 6.70
C GLY B 249 -14.66 -17.16 6.23
N ILE B 250 -13.70 -17.01 7.15
CA ILE B 250 -12.33 -16.72 6.72
C ILE B 250 -11.44 -17.94 6.82
N THR B 251 -10.32 -17.90 6.11
CA THR B 251 -9.39 -19.01 6.05
C THR B 251 -8.62 -19.14 7.38
N PRO B 252 -8.65 -20.35 7.99
CA PRO B 252 -7.86 -20.66 9.19
C PRO B 252 -6.38 -20.40 8.93
N ALA B 253 -5.65 -20.02 9.98
CA ALA B 253 -4.24 -19.66 9.89
C ALA B 253 -3.36 -20.80 9.41
N ALA B 254 -3.74 -22.02 9.76
CA ALA B 254 -2.98 -23.23 9.42
C ALA B 254 -2.94 -23.44 7.92
N GLN B 255 -3.88 -22.82 7.21
CA GLN B 255 -4.03 -23.01 5.78
C GLN B 255 -3.40 -21.87 4.96
N LEU B 256 -2.78 -20.90 5.64
CA LEU B 256 -2.16 -19.77 4.94
C LEU B 256 -0.64 -19.94 4.90
N PRO B 257 -0.01 -19.51 3.80
CA PRO B 257 1.43 -19.75 3.66
C PRO B 257 2.26 -19.07 4.75
N VAL B 258 3.19 -19.84 5.33
CA VAL B 258 4.20 -19.34 6.24
C VAL B 258 5.55 -19.98 5.87
N LEU B 259 6.61 -19.18 5.88
CA LEU B 259 7.94 -19.69 5.67
C LEU B 259 8.87 -19.19 6.76
N LEU B 260 9.46 -20.13 7.47
CA LEU B 260 10.42 -19.82 8.52
C LEU B 260 11.76 -20.37 8.06
N ARG B 261 12.74 -19.49 7.91
CA ARG B 261 14.05 -19.88 7.40
C ARG B 261 15.17 -19.17 8.13
N ARG B 262 16.40 -19.65 7.93
CA ARG B 262 17.55 -18.99 8.52
C ARG B 262 18.42 -18.34 7.43
N ASP B 263 18.05 -18.55 6.17
CA ASP B 263 18.80 -17.87 5.10
C ASP B 263 18.18 -16.53 4.71
N PHE B 264 17.10 -16.53 3.93
CA PHE B 264 16.36 -15.31 3.65
C PHE B 264 14.92 -15.59 3.23
N VAL B 265 14.09 -14.56 3.38
CA VAL B 265 12.78 -14.49 2.72
C VAL B 265 12.63 -13.11 2.12
N GLN B 266 11.89 -13.05 1.02
CA GLN B 266 11.64 -11.79 0.35
C GLN B 266 10.25 -11.78 -0.27
N ASN B 267 9.70 -10.58 -0.47
CA ASN B 267 8.48 -10.42 -1.25
C ASN B 267 8.46 -9.05 -1.91
N SER B 268 8.01 -9.03 -3.17
CA SER B 268 7.79 -7.78 -3.89
C SER B 268 6.40 -7.76 -4.56
N ASN B 269 5.38 -8.13 -3.77
CA ASN B 269 3.96 -8.08 -4.19
C ASN B 269 3.55 -9.20 -5.15
N ASP B 270 4.42 -10.19 -5.36
CA ASP B 270 3.98 -11.45 -5.99
C ASP B 270 3.44 -12.35 -4.89
N SER B 271 2.93 -13.52 -5.27
CA SER B 271 2.39 -14.46 -4.29
C SER B 271 3.49 -15.02 -3.40
N ALA B 272 3.06 -15.86 -2.46
CA ALA B 272 3.96 -16.59 -1.57
C ALA B 272 4.96 -17.50 -2.31
N TRP B 273 4.57 -18.00 -3.48
CA TRP B 273 5.32 -19.00 -4.22
C TRP B 273 6.85 -19.00 -4.04
N LEU B 274 7.51 -17.99 -4.60
CA LEU B 274 8.96 -17.94 -4.61
C LEU B 274 9.53 -17.01 -3.54
N THR B 275 8.86 -16.93 -2.40
CA THR B 275 9.37 -16.22 -1.24
C THR B 275 10.85 -16.55 -1.01
N ASN B 276 11.16 -17.86 -1.02
CA ASN B 276 12.51 -18.37 -1.20
C ASN B 276 12.44 -19.58 -2.12
N PRO B 277 13.05 -19.49 -3.32
CA PRO B 277 12.98 -20.51 -4.36
C PRO B 277 13.53 -21.87 -3.92
N ALA B 278 14.46 -21.87 -2.97
CA ALA B 278 14.96 -23.13 -2.38
C ALA B 278 13.86 -23.91 -1.66
N SER B 279 12.74 -23.24 -1.35
CA SER B 279 11.61 -23.86 -0.66
C SER B 279 10.28 -23.29 -1.14
N PRO B 280 9.84 -23.70 -2.35
CA PRO B 280 8.62 -23.13 -2.94
C PRO B 280 7.35 -23.31 -2.09
N LEU B 281 6.50 -22.30 -2.08
CA LEU B 281 5.20 -22.39 -1.38
C LEU B 281 4.08 -22.64 -2.39
N GLN B 282 3.45 -23.79 -2.25
CA GLN B 282 2.58 -24.37 -3.29
C GLN B 282 1.46 -25.15 -2.64
N GLY B 283 0.40 -25.40 -3.42
CA GLY B 283 -0.76 -26.16 -2.96
C GLY B 283 -1.76 -25.38 -2.13
N PHE B 284 -1.80 -24.06 -2.31
CA PHE B 284 -2.77 -23.22 -1.58
C PHE B 284 -4.01 -22.92 -2.41
N SER B 285 -5.08 -22.49 -1.76
CA SER B 285 -6.26 -21.99 -2.48
C SER B 285 -5.89 -20.91 -3.51
N PRO B 286 -6.57 -20.90 -4.67
CA PRO B 286 -6.31 -19.81 -5.62
C PRO B 286 -6.74 -18.43 -5.09
N LEU B 287 -7.62 -18.40 -4.08
CA LEU B 287 -7.92 -17.16 -3.37
C LEU B 287 -6.73 -16.72 -2.52
N VAL B 288 -5.81 -17.66 -2.25
CA VAL B 288 -4.71 -17.40 -1.33
C VAL B 288 -3.41 -17.06 -2.07
N SER B 289 -2.93 -17.99 -2.88
CA SER B 289 -1.62 -17.87 -3.50
C SER B 289 -1.57 -18.78 -4.72
N GLN B 290 -1.19 -18.19 -5.85
CA GLN B 290 -1.01 -18.93 -7.10
C GLN B 290 0.43 -18.88 -7.60
N GLU B 291 0.80 -19.89 -8.40
CA GLU B 291 2.13 -19.94 -8.98
C GLU B 291 2.19 -19.18 -10.29
N LYS B 292 2.39 -17.87 -10.20
CA LYS B 292 2.39 -17.00 -11.35
C LYS B 292 3.78 -16.38 -11.56
N PRO B 293 4.12 -16.03 -12.81
CA PRO B 293 5.41 -15.38 -13.09
C PRO B 293 5.63 -14.17 -12.17
N ILE B 294 6.78 -14.10 -11.52
CA ILE B 294 7.10 -13.00 -10.62
C ILE B 294 7.43 -11.73 -11.40
N GLY B 295 7.15 -10.57 -10.79
CA GLY B 295 7.46 -9.28 -11.40
C GLY B 295 8.96 -9.09 -11.40
N PRO B 296 9.44 -8.07 -12.11
CA PRO B 296 10.88 -7.84 -12.18
C PRO B 296 11.51 -7.38 -10.86
N ARG B 297 10.75 -6.75 -9.96
CA ARG B 297 11.34 -6.36 -8.66
C ARG B 297 11.75 -7.62 -7.88
N ALA B 298 10.85 -8.61 -7.83
CA ALA B 298 11.17 -9.89 -7.21
C ALA B 298 12.34 -10.58 -7.92
N ARG B 299 12.32 -10.59 -9.27
CA ARG B 299 13.41 -11.22 -10.02
C ARG B 299 14.71 -10.55 -9.69
N TYR B 300 14.70 -9.22 -9.71
CA TYR B 300 15.88 -8.48 -9.32
C TYR B 300 16.39 -8.89 -7.94
N ALA B 301 15.49 -8.94 -6.96
CA ALA B 301 15.93 -9.24 -5.58
C ALA B 301 16.50 -10.63 -5.46
N LEU B 302 15.86 -11.60 -6.10
CA LEU B 302 16.36 -12.96 -6.10
C LEU B 302 17.76 -13.09 -6.78
N SER B 303 18.01 -12.29 -7.82
CA SER B 303 19.30 -12.33 -8.49
C SER B 303 20.41 -11.84 -7.57
N ARG B 304 20.06 -10.97 -6.62
CA ARG B 304 21.02 -10.43 -5.67
C ARG B 304 21.16 -11.30 -4.43
N LEU B 305 20.08 -12.02 -4.11
CA LEU B 305 20.01 -12.73 -2.85
C LEU B 305 20.42 -14.20 -2.94
N GLN B 306 20.10 -14.87 -4.04
CA GLN B 306 20.51 -16.27 -4.19
C GLN B 306 22.04 -16.41 -4.15
N GLY B 307 22.52 -17.57 -3.71
CA GLY B 307 23.96 -17.78 -3.57
C GLY B 307 24.38 -18.02 -2.15
N LYS B 308 25.68 -17.94 -1.89
CA LYS B 308 26.25 -18.35 -0.61
C LYS B 308 27.00 -17.25 0.11
N GLN B 309 27.15 -16.11 -0.56
CA GLN B 309 27.87 -14.97 0.02
C GLN B 309 27.07 -14.28 1.13
N PRO B 310 27.75 -13.85 2.20
CA PRO B 310 27.13 -13.13 3.29
C PRO B 310 26.51 -11.81 2.83
N LEU B 311 25.41 -11.45 3.47
CA LEU B 311 24.70 -10.22 3.15
C LEU B 311 24.93 -9.19 4.24
N GLU B 312 25.45 -8.04 3.85
CA GLU B 312 25.64 -6.94 4.77
C GLU B 312 24.48 -5.96 4.69
N ALA B 313 24.34 -5.17 5.75
CA ALA B 313 23.43 -4.04 5.76
C ALA B 313 23.56 -3.23 4.45
N LYS B 314 24.81 -2.93 4.08
CA LYS B 314 25.11 -2.13 2.90
C LYS B 314 24.60 -2.79 1.63
N THR B 315 24.70 -4.12 1.54
CA THR B 315 24.18 -4.89 0.41
C THR B 315 22.72 -4.52 0.19
N LEU B 316 21.92 -4.63 1.25
CA LEU B 316 20.48 -4.37 1.15
C LEU B 316 20.16 -2.90 0.89
N GLU B 317 20.88 -2.00 1.55
CA GLU B 317 20.70 -0.58 1.27
C GLU B 317 20.91 -0.28 -0.21
N GLU B 318 22.00 -0.81 -0.77
CA GLU B 318 22.37 -0.54 -2.16
C GLU B 318 21.42 -1.17 -3.17
N MET B 319 20.72 -2.22 -2.77
CA MET B 319 19.64 -2.76 -3.61
C MET B 319 18.56 -1.70 -3.86
N VAL B 320 18.38 -0.79 -2.90
CA VAL B 320 17.44 0.31 -3.09
C VAL B 320 18.13 1.49 -3.79
N THR B 321 19.31 1.87 -3.31
CA THR B 321 19.94 3.12 -3.78
C THR B 321 20.61 3.00 -5.15
N ALA B 322 20.79 1.77 -5.63
CA ALA B 322 21.37 1.57 -6.96
C ALA B 322 20.45 2.13 -8.04
N ASN B 323 19.15 2.13 -7.76
CA ASN B 323 18.14 2.54 -8.73
C ASN B 323 18.23 1.81 -10.08
N HIS B 324 18.66 0.55 -10.04
CA HIS B 324 18.87 -0.22 -11.26
C HIS B 324 17.55 -0.60 -11.90
N VAL B 325 17.46 -0.35 -13.20
CA VAL B 325 16.28 -0.66 -13.99
C VAL B 325 16.40 -2.11 -14.49
N PHE B 326 16.00 -3.05 -13.64
CA PHE B 326 16.20 -4.46 -13.91
C PHE B 326 15.56 -5.00 -15.19
N SER B 327 14.41 -4.43 -15.58
CA SER B 327 13.80 -4.77 -16.88
C SER B 327 14.73 -4.51 -18.07
N ALA B 328 15.72 -3.64 -17.90
CA ALA B 328 16.71 -3.39 -18.96
C ALA B 328 17.53 -4.65 -19.21
N ASP B 329 17.86 -5.38 -18.13
CA ASP B 329 18.62 -6.63 -18.23
C ASP B 329 18.00 -7.63 -19.21
N GLN B 330 16.66 -7.66 -19.29
CA GLN B 330 15.98 -8.60 -20.18
C GLN B 330 15.92 -8.20 -21.65
N VAL B 331 15.95 -6.91 -21.94
CA VAL B 331 15.65 -6.44 -23.31
C VAL B 331 16.70 -5.51 -23.95
N LEU B 332 17.41 -4.75 -23.12
CA LEU B 332 18.35 -3.75 -23.64
C LEU B 332 19.50 -4.33 -24.48
N PRO B 333 20.08 -5.47 -24.07
CA PRO B 333 21.16 -6.04 -24.90
C PRO B 333 20.69 -6.36 -26.32
N ASP B 334 19.53 -6.99 -26.46
CA ASP B 334 18.99 -7.27 -27.80
C ASP B 334 18.52 -5.99 -28.46
N LEU B 335 17.97 -5.08 -27.66
CA LEU B 335 17.52 -3.80 -28.19
C LEU B 335 18.69 -3.01 -28.79
N LEU B 336 19.86 -3.06 -28.16
CA LEU B 336 21.03 -2.34 -28.63
C LEU B 336 21.59 -2.99 -29.87
N ARG B 337 21.43 -4.31 -29.96
CA ARG B 337 21.85 -5.08 -31.13
C ARG B 337 21.04 -4.63 -32.35
N LEU B 338 19.70 -4.62 -32.21
CA LEU B 338 18.81 -4.08 -33.23
C LEU B 338 19.19 -2.65 -33.64
N CYS B 339 19.65 -1.85 -32.68
CA CYS B 339 20.14 -0.51 -32.98
C CYS B 339 21.36 -0.52 -33.90
N ARG B 340 22.29 -1.45 -33.66
CA ARG B 340 23.51 -1.59 -34.47
C ARG B 340 23.17 -2.10 -35.87
N ASP B 341 22.17 -2.97 -35.93
CA ASP B 341 21.66 -3.53 -37.20
C ASP B 341 20.98 -2.48 -38.09
N ASN B 342 20.54 -1.37 -37.49
CA ASN B 342 19.83 -0.32 -38.21
C ASN B 342 20.54 1.02 -38.10
N GLN B 343 21.86 0.99 -38.16
CA GLN B 343 22.67 2.20 -38.10
C GLN B 343 22.42 3.02 -39.37
N GLY B 344 22.28 4.33 -39.21
CA GLY B 344 21.95 5.21 -40.34
C GLY B 344 20.47 5.29 -40.68
N GLU B 345 19.61 4.66 -39.87
CA GLU B 345 18.17 4.88 -39.93
C GLU B 345 17.86 6.13 -39.10
N LYS B 346 17.47 7.21 -39.77
CA LYS B 346 17.38 8.54 -39.16
C LYS B 346 16.45 8.61 -37.94
N SER B 347 15.35 7.86 -38.00
CA SER B 347 14.34 7.86 -36.95
C SER B 347 14.86 7.27 -35.63
N LEU B 348 15.82 6.34 -35.71
CA LEU B 348 16.30 5.60 -34.56
C LEU B 348 17.58 6.15 -33.90
N ALA B 349 18.23 7.09 -34.58
CA ALA B 349 19.56 7.59 -34.17
C ALA B 349 19.64 8.10 -32.73
N ARG B 350 18.78 9.05 -32.39
CA ARG B 350 18.81 9.67 -31.07
C ARG B 350 18.47 8.68 -29.93
N ALA B 351 17.47 7.84 -30.17
CA ALA B 351 17.07 6.81 -29.22
C ALA B 351 18.22 5.86 -28.88
N CYS B 352 18.87 5.32 -29.92
CA CYS B 352 19.95 4.35 -29.78
C CYS B 352 21.20 4.95 -29.15
N ALA B 353 21.47 6.20 -29.48
CA ALA B 353 22.58 6.92 -28.87
C ALA B 353 22.31 7.06 -27.36
N ALA B 354 21.09 7.50 -27.01
CA ALA B 354 20.72 7.72 -25.62
C ALA B 354 20.74 6.42 -24.82
N LEU B 355 20.16 5.35 -25.40
CA LEU B 355 20.11 4.02 -24.79
C LEU B 355 21.49 3.39 -24.55
N ALA B 356 22.42 3.57 -25.49
CA ALA B 356 23.79 3.00 -25.36
C ALA B 356 24.66 3.79 -24.38
N GLN B 357 24.32 5.05 -24.16
CA GLN B 357 25.01 5.91 -23.21
C GLN B 357 24.41 5.84 -21.79
N TRP B 358 23.28 5.16 -21.68
CA TRP B 358 22.49 5.13 -20.44
C TRP B 358 23.16 4.20 -19.41
N ASP B 359 23.18 4.65 -18.15
CA ASP B 359 23.71 3.83 -17.04
C ASP B 359 22.78 2.70 -16.57
N ARG B 360 21.63 2.57 -17.22
CA ARG B 360 20.62 1.54 -16.89
C ARG B 360 19.96 1.77 -15.51
N GLY B 361 20.09 2.99 -14.99
CA GLY B 361 19.54 3.34 -13.71
C GLY B 361 18.47 4.41 -13.77
N ALA B 362 17.81 4.64 -12.62
CA ALA B 362 16.88 5.74 -12.44
C ALA B 362 17.44 6.70 -11.37
N ASN B 363 18.74 6.95 -11.50
CA ASN B 363 19.44 7.92 -10.68
C ASN B 363 19.12 9.32 -11.15
N LEU B 364 19.44 10.31 -10.31
CA LEU B 364 19.24 11.71 -10.68
C LEU B 364 19.95 12.05 -11.98
N ASP B 365 21.18 11.53 -12.12
CA ASP B 365 22.03 11.83 -13.28
CA ASP B 365 22.05 11.81 -13.27
C ASP B 365 21.82 10.87 -14.46
N SER B 366 20.92 9.91 -14.30
CA SER B 366 20.64 8.94 -15.37
C SER B 366 20.21 9.66 -16.65
N GLY B 367 20.81 9.24 -17.76
CA GLY B 367 20.51 9.87 -19.04
C GLY B 367 19.10 9.56 -19.56
N SER B 368 18.69 10.38 -20.52
CA SER B 368 17.40 10.25 -21.22
C SER B 368 17.11 8.86 -21.80
N GLY B 369 18.12 8.00 -21.85
CA GLY B 369 17.91 6.59 -22.21
C GLY B 369 16.80 5.92 -21.42
N PHE B 370 16.67 6.29 -20.14
CA PHE B 370 15.60 5.75 -19.29
C PHE B 370 14.23 6.11 -19.82
N VAL B 371 14.07 7.38 -20.20
CA VAL B 371 12.83 7.85 -20.82
C VAL B 371 12.51 7.12 -22.13
N TYR B 372 13.50 7.01 -23.03
CA TYR B 372 13.31 6.22 -24.25
C TYR B 372 12.97 4.77 -23.93
N PHE B 373 13.60 4.25 -22.89
CA PHE B 373 13.42 2.83 -22.51
C PHE B 373 12.03 2.55 -21.99
N GLN B 374 11.51 3.45 -21.14
CA GLN B 374 10.15 3.34 -20.62
C GLN B 374 9.10 3.28 -21.74
N ARG B 375 9.11 4.29 -22.61
CA ARG B 375 8.13 4.38 -23.70
C ARG B 375 8.21 3.17 -24.63
N PHE B 376 9.44 2.67 -24.87
CA PHE B 376 9.58 1.46 -25.66
C PHE B 376 8.95 0.27 -24.95
N MET B 377 9.25 0.13 -23.66
CA MET B 377 8.72 -1.00 -22.88
C MET B 377 7.19 -1.01 -22.83
N GLN B 378 6.59 0.18 -22.82
CA GLN B 378 5.13 0.31 -22.82
C GLN B 378 4.57 -0.26 -24.12
N ARG B 379 5.28 -0.05 -25.22
CA ARG B 379 4.87 -0.62 -26.50
C ARG B 379 5.25 -2.10 -26.61
N PHE B 380 6.43 -2.46 -26.09
CA PHE B 380 6.90 -3.85 -26.08
C PHE B 380 5.87 -4.74 -25.40
N ALA B 381 5.36 -4.27 -24.25
CA ALA B 381 4.36 -5.00 -23.46
C ALA B 381 3.10 -5.36 -24.23
N GLU B 382 2.80 -4.60 -25.29
CA GLU B 382 1.59 -4.85 -26.10
C GLU B 382 1.85 -5.80 -27.27
N LEU B 383 3.11 -6.20 -27.48
CA LEU B 383 3.43 -7.07 -28.60
C LEU B 383 3.22 -8.54 -28.26
N ASP B 384 2.76 -9.31 -29.24
CA ASP B 384 2.53 -10.75 -29.09
C ASP B 384 3.77 -11.56 -29.48
N GLY B 385 4.20 -12.46 -28.58
CA GLY B 385 5.30 -13.39 -28.84
C GLY B 385 6.67 -12.79 -29.18
N ALA B 386 6.99 -11.63 -28.60
CA ALA B 386 8.24 -10.93 -28.90
C ALA B 386 9.44 -11.37 -28.05
N TRP B 387 9.19 -12.12 -26.97
CA TRP B 387 10.26 -12.64 -26.11
C TRP B 387 11.05 -13.75 -26.80
N LYS B 388 12.38 -13.70 -26.68
CA LYS B 388 13.24 -14.76 -27.20
C LYS B 388 13.02 -16.04 -26.42
N GLU B 389 13.03 -15.93 -25.10
CA GLU B 389 12.67 -17.00 -24.21
C GLU B 389 11.45 -16.52 -23.42
N PRO B 390 10.26 -17.08 -23.72
CA PRO B 390 9.05 -16.73 -22.99
C PRO B 390 9.12 -17.26 -21.56
N PHE B 391 8.21 -16.84 -20.69
CA PHE B 391 8.15 -17.39 -19.33
C PHE B 391 8.18 -18.91 -19.35
N ASP B 392 9.01 -19.47 -18.50
CA ASP B 392 9.18 -20.90 -18.37
C ASP B 392 8.96 -21.24 -16.89
N ALA B 393 7.96 -22.08 -16.62
CA ALA B 393 7.62 -22.47 -15.24
C ALA B 393 8.73 -23.23 -14.52
N GLN B 394 9.68 -23.76 -15.29
CA GLN B 394 10.84 -24.47 -14.75
C GLN B 394 12.06 -23.56 -14.56
N ARG B 395 11.99 -22.36 -15.14
CA ARG B 395 13.06 -21.35 -15.02
C ARG B 395 12.47 -19.97 -14.64
N PRO B 396 11.67 -19.92 -13.56
CA PRO B 396 10.85 -18.75 -13.21
C PRO B 396 11.65 -17.50 -12.82
N LEU B 397 12.93 -17.68 -12.49
CA LEU B 397 13.77 -16.55 -12.11
C LEU B 397 14.43 -15.91 -13.32
N ASP B 398 14.44 -16.64 -14.44
CA ASP B 398 15.26 -16.26 -15.61
C ASP B 398 14.48 -16.02 -16.90
N THR B 399 13.15 -16.08 -16.80
CA THR B 399 12.29 -15.88 -17.95
C THR B 399 11.14 -14.96 -17.57
N PRO B 400 10.63 -14.17 -18.53
CA PRO B 400 11.08 -14.03 -19.92
C PRO B 400 12.42 -13.28 -20.06
N GLN B 401 13.13 -13.54 -21.16
CA GLN B 401 14.44 -12.94 -21.44
C GLN B 401 14.61 -12.75 -22.96
N GLY B 402 15.17 -11.60 -23.35
CA GLY B 402 15.63 -11.38 -24.72
C GLY B 402 14.55 -11.07 -25.73
N ILE B 403 14.96 -10.53 -26.87
CA ILE B 403 14.03 -10.24 -27.97
C ILE B 403 14.22 -11.27 -29.09
N ALA B 404 13.12 -11.81 -29.59
CA ALA B 404 13.18 -12.79 -30.69
C ALA B 404 13.41 -12.08 -32.03
N LEU B 405 14.61 -11.50 -32.16
CA LEU B 405 14.98 -10.78 -33.37
C LEU B 405 15.16 -11.68 -34.59
N ASP B 406 15.31 -12.98 -34.34
CA ASP B 406 15.47 -13.96 -35.42
C ASP B 406 14.14 -14.22 -36.17
N ARG B 407 13.02 -13.95 -35.50
CA ARG B 407 11.70 -13.98 -36.13
C ARG B 407 11.43 -12.62 -36.80
N PRO B 408 11.47 -12.58 -38.15
CA PRO B 408 11.47 -11.34 -38.96
C PRO B 408 10.32 -10.35 -38.66
N GLN B 409 9.13 -10.88 -38.38
CA GLN B 409 7.96 -10.07 -38.05
C GLN B 409 8.14 -9.35 -36.71
N VAL B 410 8.65 -10.07 -35.70
CA VAL B 410 8.97 -9.49 -34.39
C VAL B 410 9.96 -8.34 -34.56
N ALA B 411 11.02 -8.59 -35.33
CA ALA B 411 12.04 -7.58 -35.62
C ALA B 411 11.46 -6.33 -36.25
N THR B 412 10.45 -6.51 -37.11
CA THR B 412 9.75 -5.39 -37.72
C THR B 412 8.96 -4.63 -36.65
N GLN B 413 8.23 -5.37 -35.82
CA GLN B 413 7.42 -4.76 -34.77
C GLN B 413 8.25 -4.07 -33.68
N VAL B 414 9.35 -4.68 -33.28
CA VAL B 414 10.18 -4.10 -32.23
C VAL B 414 10.81 -2.81 -32.71
N ARG B 415 11.24 -2.80 -33.97
CA ARG B 415 11.81 -1.58 -34.55
C ARG B 415 10.76 -0.47 -34.67
N GLN B 416 9.55 -0.83 -35.11
CA GLN B 416 8.45 0.14 -35.19
C GLN B 416 8.10 0.66 -33.79
N ALA B 417 8.05 -0.25 -32.81
CA ALA B 417 7.88 0.14 -31.41
C ALA B 417 8.93 1.17 -30.99
N LEU B 418 10.19 0.94 -31.34
CA LEU B 418 11.28 1.86 -31.00
C LEU B 418 11.17 3.21 -31.71
N ALA B 419 10.68 3.19 -32.95
CA ALA B 419 10.50 4.42 -33.71
C ALA B 419 9.38 5.25 -33.09
N ASP B 420 8.29 4.57 -32.76
CA ASP B 420 7.12 5.19 -32.12
C ASP B 420 7.49 5.77 -30.75
N ALA B 421 8.24 5.00 -29.96
CA ALA B 421 8.72 5.46 -28.66
C ALA B 421 9.63 6.67 -28.81
N ALA B 422 10.54 6.61 -29.78
CA ALA B 422 11.45 7.72 -30.02
C ALA B 422 10.65 8.98 -30.32
N ALA B 423 9.71 8.88 -31.25
CA ALA B 423 8.87 9.99 -31.66
C ALA B 423 8.17 10.66 -30.46
N GLU B 424 7.56 9.86 -29.60
CA GLU B 424 6.86 10.38 -28.41
C GLU B 424 7.78 11.16 -27.47
N VAL B 425 9.00 10.65 -27.27
CA VAL B 425 9.99 11.30 -26.43
C VAL B 425 10.44 12.61 -27.09
N GLU B 426 10.61 12.59 -28.40
CA GLU B 426 11.08 13.75 -29.15
C GLU B 426 10.01 14.83 -29.30
N LYS B 427 8.74 14.42 -29.34
CA LYS B 427 7.61 15.35 -29.33
C LYS B 427 7.55 16.17 -28.05
N SER B 428 7.81 15.51 -26.91
CA SER B 428 7.75 16.15 -25.60
C SER B 428 8.87 17.16 -25.40
N GLY B 429 8.72 18.02 -24.41
CA GLY B 429 9.62 19.16 -24.23
C GLY B 429 10.95 18.90 -23.56
N ILE B 430 11.43 17.65 -23.64
CA ILE B 430 12.73 17.28 -23.06
C ILE B 430 13.85 18.04 -23.75
N PRO B 431 14.63 18.83 -22.98
CA PRO B 431 15.80 19.57 -23.47
C PRO B 431 16.90 18.68 -24.06
N ASP B 432 18.13 19.21 -24.10
CA ASP B 432 19.28 18.46 -24.63
C ASP B 432 20.21 18.06 -23.50
N GLY B 433 20.44 16.75 -23.36
CA GLY B 433 21.25 16.23 -22.27
C GLY B 433 20.63 16.49 -20.89
N ALA B 434 19.30 16.65 -20.87
CA ALA B 434 18.54 16.66 -19.63
C ALA B 434 18.54 15.24 -19.03
N ARG B 435 18.59 15.19 -17.70
N ARG B 435 18.61 15.16 -17.71
CA ARG B 435 18.72 13.93 -16.98
CA ARG B 435 18.70 13.86 -17.06
C ARG B 435 17.40 13.53 -16.30
C ARG B 435 17.46 13.56 -16.21
N TRP B 436 17.31 12.31 -15.78
CA TRP B 436 16.08 11.85 -15.10
C TRP B 436 15.64 12.75 -13.93
N GLY B 437 16.61 13.13 -13.11
CA GLY B 437 16.39 14.07 -12.00
C GLY B 437 15.86 15.43 -12.40
N ASP B 438 16.13 15.86 -13.63
CA ASP B 438 15.56 17.13 -14.13
C ASP B 438 14.07 17.01 -14.40
N LEU B 439 13.61 15.77 -14.58
CA LEU B 439 12.24 15.50 -15.00
C LEU B 439 11.34 15.07 -13.81
N GLN B 440 11.82 14.13 -13.01
CA GLN B 440 11.03 13.60 -11.90
C GLN B 440 11.32 14.34 -10.59
N VAL B 441 10.28 14.95 -10.05
CA VAL B 441 10.42 15.79 -8.88
C VAL B 441 9.23 15.65 -7.95
N SER B 442 9.39 16.17 -6.73
CA SER B 442 8.31 16.37 -5.79
C SER B 442 8.25 17.85 -5.46
N THR B 443 7.10 18.46 -5.70
CA THR B 443 6.87 19.88 -5.43
C THR B 443 6.71 20.13 -3.93
N ARG B 444 7.38 21.17 -3.45
CA ARG B 444 7.34 21.58 -2.05
C ARG B 444 7.17 23.09 -2.04
N GLY B 445 5.94 23.54 -1.83
CA GLY B 445 5.61 24.95 -1.95
C GLY B 445 5.78 25.40 -3.40
N GLN B 446 6.69 26.35 -3.62
CA GLN B 446 6.95 26.84 -4.97
C GLN B 446 8.25 26.24 -5.54
N GLU B 447 8.91 25.40 -4.75
CA GLU B 447 10.14 24.72 -5.15
C GLU B 447 9.88 23.29 -5.64
N ARG B 448 10.92 22.66 -6.15
CA ARG B 448 10.91 21.29 -6.64
C ARG B 448 12.18 20.58 -6.21
N ILE B 449 12.03 19.31 -5.82
CA ILE B 449 13.15 18.48 -5.43
C ILE B 449 13.21 17.26 -6.34
N ALA B 450 14.36 17.05 -6.96
CA ALA B 450 14.57 15.89 -7.82
C ALA B 450 14.49 14.59 -7.02
N ILE B 451 13.75 13.61 -7.53
CA ILE B 451 13.55 12.34 -6.81
C ILE B 451 14.08 11.16 -7.61
N PRO B 452 15.02 10.39 -7.04
CA PRO B 452 15.54 9.22 -7.73
C PRO B 452 14.59 8.02 -7.59
N GLY B 453 14.73 7.06 -8.49
CA GLY B 453 13.81 5.92 -8.54
C GLY B 453 12.90 6.00 -9.73
N GLY B 454 12.19 4.91 -9.97
CA GLY B 454 11.29 4.82 -11.10
C GLY B 454 10.27 3.74 -10.94
N ASP B 455 9.39 3.60 -11.94
CA ASP B 455 8.26 2.69 -11.81
C ASP B 455 8.73 1.25 -11.59
N GLY B 456 8.14 0.64 -10.58
CA GLY B 456 8.44 -0.73 -10.21
C GLY B 456 8.09 -1.74 -11.28
N HIS B 457 7.23 -1.36 -12.22
CA HIS B 457 6.95 -2.24 -13.37
C HIS B 457 8.17 -2.39 -14.31
N PHE B 458 9.13 -1.46 -14.21
CA PHE B 458 10.41 -1.59 -14.91
C PHE B 458 11.52 -2.26 -14.08
N GLY B 459 11.14 -2.85 -12.94
CA GLY B 459 12.10 -3.56 -12.10
C GLY B 459 13.04 -2.67 -11.30
N VAL B 460 12.62 -1.43 -11.04
CA VAL B 460 13.40 -0.56 -10.17
C VAL B 460 12.95 -0.86 -8.76
N TYR B 461 13.87 -1.37 -7.94
CA TYR B 461 13.54 -1.76 -6.58
C TYR B 461 13.03 -0.54 -5.82
N ASN B 462 13.74 0.57 -5.99
CA ASN B 462 13.30 1.87 -5.50
C ASN B 462 12.18 2.39 -6.40
N ALA B 463 10.99 1.82 -6.21
CA ALA B 463 9.82 2.15 -7.02
C ALA B 463 9.29 3.54 -6.71
N ILE B 464 9.12 4.34 -7.76
CA ILE B 464 8.57 5.68 -7.66
C ILE B 464 7.56 5.78 -8.76
N GLN B 465 6.35 6.22 -8.41
CA GLN B 465 5.30 6.44 -9.38
C GLN B 465 5.06 7.93 -9.51
N SER B 466 5.02 8.39 -10.76
CA SER B 466 4.86 9.80 -11.10
C SER B 466 3.77 10.01 -12.14
N VAL B 467 3.20 11.22 -12.16
CA VAL B 467 2.25 11.63 -13.19
C VAL B 467 2.68 12.95 -13.83
N ARG B 468 2.35 13.10 -15.12
CA ARG B 468 2.66 14.33 -15.83
C ARG B 468 1.86 15.49 -15.28
N LYS B 469 2.57 16.51 -14.81
CA LYS B 469 1.97 17.78 -14.40
C LYS B 469 2.84 18.90 -14.97
N GLY B 470 2.30 19.59 -15.98
CA GLY B 470 3.04 20.64 -16.69
C GLY B 470 4.32 20.12 -17.31
N ASP B 471 5.43 20.69 -16.85
CA ASP B 471 6.74 20.43 -17.44
C ASP B 471 7.53 19.31 -16.74
N HIS B 472 6.88 18.61 -15.81
CA HIS B 472 7.61 17.66 -14.98
C HIS B 472 6.80 16.40 -14.72
N LEU B 473 7.45 15.38 -14.17
CA LEU B 473 6.75 14.25 -13.60
C LEU B 473 6.67 14.50 -12.09
N GLU B 474 5.45 14.55 -11.56
CA GLU B 474 5.21 14.78 -10.12
C GLU B 474 5.02 13.44 -9.43
N VAL B 475 5.87 13.17 -8.43
CA VAL B 475 5.81 11.93 -7.65
C VAL B 475 4.53 11.86 -6.81
N VAL B 476 3.78 10.75 -6.97
CA VAL B 476 2.57 10.52 -6.19
C VAL B 476 2.65 9.32 -5.21
N GLY B 477 3.58 8.40 -5.45
CA GLY B 477 3.70 7.24 -4.59
C GLY B 477 4.99 6.47 -4.79
N GLY B 478 5.20 5.45 -3.97
CA GLY B 478 6.40 4.63 -4.05
C GLY B 478 7.15 4.57 -2.73
N THR B 479 8.45 4.38 -2.81
CA THR B 479 9.32 4.43 -1.64
C THR B 479 8.90 5.60 -0.72
N SER B 480 8.76 5.26 0.55
CA SER B 480 8.07 6.10 1.49
C SER B 480 8.80 6.03 2.81
N TYR B 481 8.37 5.11 3.66
CA TYR B 481 9.10 4.84 4.88
C TYR B 481 10.12 3.76 4.59
N ILE B 482 11.39 4.05 4.85
CA ILE B 482 12.48 3.06 4.72
C ILE B 482 13.04 2.73 6.09
N GLN B 483 13.10 1.45 6.42
CA GLN B 483 13.91 1.04 7.57
C GLN B 483 14.72 -0.20 7.27
N LEU B 484 15.96 -0.18 7.75
CA LEU B 484 16.90 -1.27 7.59
C LEU B 484 17.38 -1.54 9.00
N VAL B 485 17.14 -2.74 9.49
CA VAL B 485 17.40 -3.01 10.89
C VAL B 485 18.36 -4.18 11.09
N THR B 486 19.36 -3.97 11.93
CA THR B 486 20.25 -5.04 12.39
C THR B 486 20.27 -5.03 13.92
N PHE B 487 20.93 -6.03 14.50
CA PHE B 487 20.87 -6.23 15.94
C PHE B 487 22.23 -6.41 16.60
N PRO B 488 23.06 -5.36 16.63
CA PRO B 488 24.31 -5.44 17.39
C PRO B 488 24.00 -5.52 18.88
N GLU B 489 24.97 -6.00 19.66
CA GLU B 489 24.77 -6.29 21.10
C GLU B 489 24.09 -5.18 21.90
N GLU B 490 24.51 -3.93 21.66
CA GLU B 490 24.01 -2.76 22.39
C GLU B 490 22.49 -2.56 22.28
N GLY B 491 21.95 -2.80 21.08
CA GLY B 491 20.52 -2.59 20.84
C GLY B 491 20.30 -2.47 19.35
N PRO B 492 19.03 -2.47 18.92
CA PRO B 492 18.71 -2.44 17.49
C PRO B 492 19.35 -1.25 16.76
N LYS B 493 20.03 -1.52 15.64
CA LYS B 493 20.55 -0.46 14.81
C LYS B 493 19.64 -0.35 13.60
N ALA B 494 18.96 0.79 13.50
CA ALA B 494 17.97 1.01 12.48
C ALA B 494 18.37 2.23 11.70
N ARG B 495 18.18 2.12 10.39
CA ARG B 495 18.65 3.14 9.48
C ARG B 495 17.59 3.34 8.40
N GLY B 496 17.39 4.58 7.98
CA GLY B 496 16.43 4.86 6.94
C GLY B 496 16.00 6.29 6.86
N LEU B 497 14.77 6.48 6.40
CA LEU B 497 14.22 7.77 6.07
C LEU B 497 12.72 7.66 5.84
N LEU B 498 12.02 8.78 6.01
CA LEU B 498 10.69 8.92 5.45
C LEU B 498 10.80 9.85 4.22
N ALA B 499 10.64 9.28 3.02
CA ALA B 499 10.97 9.96 1.76
C ALA B 499 10.35 11.34 1.63
N PHE B 500 9.06 11.44 1.94
CA PHE B 500 8.33 12.70 1.80
C PHE B 500 8.30 13.56 3.07
N SER B 501 9.04 13.17 4.11
CA SER B 501 9.11 13.94 5.37
C SER B 501 7.87 13.79 6.27
N GLN B 502 8.02 14.17 7.54
CA GLN B 502 6.99 13.95 8.57
C GLN B 502 5.69 14.70 8.34
N SER B 503 5.79 15.92 7.85
CA SER B 503 4.63 16.78 7.77
C SER B 503 4.19 17.06 6.35
N SER B 504 2.90 16.93 6.08
CA SER B 504 2.31 17.32 4.80
C SER B 504 2.01 18.84 4.77
N ASP B 505 2.33 19.56 5.85
CA ASP B 505 2.01 20.99 5.92
C ASP B 505 3.20 21.84 5.50
N PRO B 506 3.01 22.69 4.47
CA PRO B 506 4.11 23.54 3.97
C PRO B 506 4.73 24.45 5.05
N ARG B 507 3.97 24.74 6.09
CA ARG B 507 4.45 25.62 7.14
C ARG B 507 5.38 24.93 8.10
N SER B 508 5.55 23.62 7.94
CA SER B 508 6.30 22.82 8.89
C SER B 508 7.81 22.79 8.64
N PRO B 509 8.59 22.77 9.73
CA PRO B 509 10.03 22.61 9.63
C PRO B 509 10.39 21.23 9.10
N HIS B 510 9.38 20.36 8.96
CA HIS B 510 9.60 18.97 8.56
C HIS B 510 8.75 18.60 7.36
N TYR B 511 8.58 19.57 6.48
CA TYR B 511 7.83 19.42 5.26
C TYR B 511 8.69 18.82 4.14
N ARG B 512 10.00 19.06 4.19
CA ARG B 512 10.87 18.66 3.10
C ARG B 512 12.27 18.24 3.52
N ASP B 513 12.53 18.27 4.83
CA ASP B 513 13.89 17.96 5.32
C ASP B 513 14.38 16.54 4.99
N GLN B 514 13.52 15.54 5.09
CA GLN B 514 13.95 14.19 4.72
C GLN B 514 13.87 14.00 3.20
N THR B 515 13.03 14.79 2.53
CA THR B 515 12.92 14.75 1.07
C THR B 515 14.23 15.22 0.42
N GLU B 516 14.83 16.27 0.98
CA GLU B 516 16.16 16.70 0.56
C GLU B 516 17.15 15.53 0.69
N LEU B 517 17.06 14.81 1.79
CA LEU B 517 17.93 13.67 2.07
C LEU B 517 17.64 12.46 1.19
N PHE B 518 16.35 12.24 0.91
CA PHE B 518 15.97 11.20 -0.02
C PHE B 518 16.53 11.45 -1.41
N SER B 519 16.45 12.72 -1.86
CA SER B 519 17.03 13.12 -3.13
C SER B 519 18.50 12.68 -3.23
N ARG B 520 19.28 12.97 -2.19
CA ARG B 520 20.71 12.65 -2.17
C ARG B 520 20.97 11.20 -1.71
N GLN B 521 19.90 10.47 -1.43
CA GLN B 521 19.97 9.10 -0.94
C GLN B 521 20.86 8.99 0.31
N GLN B 522 20.66 9.91 1.25
CA GLN B 522 21.42 9.92 2.50
C GLN B 522 20.58 9.44 3.68
N TRP B 523 20.59 8.13 3.90
CA TRP B 523 19.80 7.53 4.96
C TRP B 523 20.39 7.87 6.32
N GLN B 524 19.53 7.89 7.32
CA GLN B 524 19.90 8.36 8.64
C GLN B 524 19.61 7.33 9.71
N THR B 525 20.21 7.55 10.87
CA THR B 525 19.95 6.76 12.05
C THR B 525 18.51 7.01 12.48
N LEU B 526 17.83 5.92 12.81
CA LEU B 526 16.53 5.96 13.44
C LEU B 526 16.77 5.73 14.94
N PRO B 527 16.85 6.81 15.73
CA PRO B 527 17.29 6.64 17.13
C PRO B 527 16.23 5.94 17.98
N PHE B 528 16.65 4.89 18.69
CA PHE B 528 15.72 4.07 19.45
C PHE B 528 16.02 4.03 20.97
N SER B 529 17.27 3.81 21.34
CA SER B 529 17.69 3.80 22.74
C SER B 529 17.64 5.22 23.33
N ASP B 530 17.42 5.31 24.65
CA ASP B 530 17.49 6.60 25.37
C ASP B 530 18.78 7.33 25.07
N ARG B 531 19.87 6.57 25.07
CA ARG B 531 21.21 7.03 24.69
C ARG B 531 21.25 7.65 23.27
N GLN B 532 20.80 6.90 22.26
CA GLN B 532 20.69 7.44 20.89
C GLN B 532 19.87 8.73 20.87
N ILE B 533 18.73 8.73 21.58
CA ILE B 533 17.82 9.87 21.62
C ILE B 533 18.48 11.08 22.30
N ASP B 534 19.24 10.82 23.36
CA ASP B 534 19.95 11.87 24.09
C ASP B 534 21.17 12.44 23.35
N ALA B 535 21.81 11.60 22.53
CA ALA B 535 22.90 12.03 21.65
C ALA B 535 22.47 12.99 20.53
N ASP B 536 21.17 13.17 20.33
CA ASP B 536 20.64 14.03 19.26
C ASP B 536 20.69 15.52 19.65
N PRO B 537 21.55 16.29 18.97
CA PRO B 537 21.69 17.73 19.27
C PRO B 537 20.42 18.56 19.00
N GLN B 538 19.48 18.02 18.22
CA GLN B 538 18.20 18.70 18.01
C GLN B 538 17.08 18.34 19.00
N LEU B 539 17.39 17.48 19.97
CA LEU B 539 16.39 17.01 20.94
C LEU B 539 15.49 18.10 21.52
N GLN B 540 14.18 17.95 21.35
CA GLN B 540 13.19 18.79 22.04
C GLN B 540 12.37 17.86 22.93
N ARG B 541 11.80 18.40 24.00
CA ARG B 541 11.00 17.61 24.94
C ARG B 541 9.86 18.45 25.46
N LEU B 542 8.67 17.87 25.40
CA LEU B 542 7.49 18.50 25.96
C LEU B 542 6.69 17.45 26.72
N SER B 543 6.21 17.82 27.90
CA SER B 543 5.25 17.00 28.63
C SER B 543 3.90 17.68 28.63
N ILE B 544 2.84 16.92 28.43
CA ILE B 544 1.46 17.48 28.34
C ILE B 544 0.49 16.62 29.16
N ARG B 545 -0.53 17.27 29.71
CA ARG B 545 -1.60 16.57 30.43
C ARG B 545 -2.89 17.38 30.39
N GLU B 546 -4.01 16.70 30.59
CA GLU B 546 -5.29 17.36 30.86
C GLU B 546 -6.15 16.37 31.64
C1 EDO C . 6.74 6.97 31.84
O1 EDO C . 8.12 7.37 31.82
C2 EDO C . 5.85 8.19 31.62
O2 EDO C . 6.08 9.18 32.63
C1 EDO D . -0.03 1.97 35.25
O1 EDO D . 0.59 1.36 36.38
C2 EDO D . -1.48 2.37 35.57
O2 EDO D . -1.49 3.71 36.10
C1 EDO E . -12.40 17.95 11.14
O1 EDO E . -11.41 17.42 12.03
C2 EDO E . -13.25 16.90 10.46
O2 EDO E . -14.62 17.32 10.55
C1 EDO F . -21.79 11.41 8.91
O1 EDO F . -21.25 11.59 10.22
C2 EDO F . -22.98 12.36 8.79
O2 EDO F . -22.51 13.69 8.51
C1 EDO G . -28.09 2.77 11.75
O1 EDO G . -26.75 2.63 11.28
C2 EDO G . -28.79 1.41 11.76
O2 EDO G . -28.51 0.74 13.00
C1 EDO H . -5.14 22.89 27.81
O1 EDO H . -5.49 21.51 27.62
C2 EDO H . -5.29 23.71 26.52
O2 EDO H . -6.67 23.90 26.21
C1 EDO I . -7.19 4.95 0.89
O1 EDO I . -7.89 3.96 1.65
C2 EDO I . -8.17 5.47 -0.13
O2 EDO I . -9.30 5.99 0.55
C1 EDO J . -4.16 -1.74 -1.77
O1 EDO J . -3.58 -0.92 -0.75
C2 EDO J . -4.86 -2.92 -1.12
O2 EDO J . -5.02 -3.97 -2.09
C1 EDO K . 2.85 23.59 25.43
O1 EDO K . 2.65 24.58 24.42
C2 EDO K . 1.95 22.40 25.12
O2 EDO K . 0.60 22.77 25.43
C1 EDO L . -19.08 -5.45 11.83
O1 EDO L . -18.64 -6.51 12.69
C2 EDO L . -18.30 -4.18 12.12
O2 EDO L . -19.23 -3.11 12.31
C1 EDO M . -20.36 -6.75 1.93
O1 EDO M . -19.10 -6.52 1.30
C2 EDO M . -20.33 -7.94 2.89
O2 EDO M . -21.60 -7.96 3.55
C1 EDO N . 4.62 -7.98 -9.13
O1 EDO N . 4.01 -8.42 -10.34
C2 EDO N . 3.66 -7.04 -8.42
O2 EDO N . 3.25 -6.06 -9.39
C1 EDO O . 25.76 -10.26 -5.53
O1 EDO O . 25.61 -9.87 -6.90
C2 EDO O . 25.68 -11.78 -5.43
O2 EDO O . 24.73 -12.26 -6.38
C1 EDO P . 24.62 -7.44 9.49
O1 EDO P . 24.88 -8.51 8.58
C2 EDO P . 25.80 -6.48 9.55
O2 EDO P . 25.86 -5.72 8.34
C1 EDO Q . 25.05 8.79 -17.67
O1 EDO Q . 24.81 8.94 -16.26
C2 EDO Q . 24.46 7.48 -18.12
O2 EDO Q . 23.05 7.60 -18.02
C1 EDO R . 19.88 16.57 -12.34
O1 EDO R . 21.13 15.85 -12.28
C2 EDO R . 19.03 16.21 -11.13
O2 EDO R . 18.98 17.35 -10.29
C1 EDO S . 6.54 -9.62 -25.42
O1 EDO S . 5.86 -10.34 -26.46
C2 EDO S . 5.57 -9.39 -24.27
O2 EDO S . 4.89 -8.16 -24.50
C1 EDO T . 5.60 2.75 -8.30
O1 EDO T . 5.96 1.53 -8.96
C2 EDO T . 5.37 2.51 -6.82
O2 EDO T . 4.41 3.46 -6.36
C1 EDO U . -10.92 19.19 29.37
O1 EDO U . -10.10 20.35 29.13
C2 EDO U . -11.25 18.52 28.04
O2 EDO U . -11.59 19.52 27.07
C1 MYR V . 3.60 -2.00 0.35
O1 MYR V . 2.82 -2.87 -0.07
C2 MYR V . 3.16 -1.03 1.39
C3 MYR V . 2.47 -1.77 2.52
C4 MYR V . 2.08 -0.72 3.55
C5 MYR V . 1.03 -1.27 4.48
C6 MYR V . 1.04 -0.50 5.79
C7 MYR V . 0.72 -1.41 6.97
C8 MYR V . -0.69 -1.99 6.85
C9 MYR V . -1.68 -0.99 7.42
C10 MYR V . -3.09 -1.53 7.30
C11 MYR V . -3.79 -1.19 8.61
C12 MYR V . -5.29 -1.21 8.42
C13 MYR V . -5.87 -0.20 9.37
C14 MYR V . -7.37 -0.39 9.49
#